data_4JD9
#
_entry.id   4JD9
#
_cell.length_a   74.956
_cell.length_b   97.119
_cell.length_c   236.069
_cell.angle_alpha   90.000
_cell.angle_beta   90.000
_cell.angle_gamma   90.000
#
_symmetry.space_group_name_H-M   'P 21 21 21'
#
loop_
_entity.id
_entity.type
_entity.pdbx_description
1 polymer '14.5 kDa salivary protein'
2 non-polymer 'SULFATE ION'
3 water water
#
_entity_poly.entity_id   1
_entity_poly.type   'polypeptide(L)'
_entity_poly.pdbx_seq_one_letter_code
;ETPSQKCEEKYKENAERKACIHHCKYQYYGFIDVNYNIAQPEIRKFSNVLMDYGVVDRSKKRELKKVMHDCAKKIKKEAR
TGDHWLNCRTSIDYYRCVLTSKLIGPQRFDKAIQDYDKTISV
;
_entity_poly.pdbx_strand_id   A,B,C,D,F,E,G
#
# COMPACT_ATOMS: atom_id res chain seq x y z
N GLU A 1 10.02 23.00 0.64
CA GLU A 1 11.04 23.54 -0.25
C GLU A 1 12.36 23.82 0.46
N THR A 2 12.39 24.89 1.27
CA THR A 2 13.54 25.14 2.13
C THR A 2 13.33 24.39 3.44
N PRO A 3 14.41 23.89 4.05
CA PRO A 3 14.31 23.04 5.24
C PRO A 3 13.24 23.48 6.27
N SER A 4 13.36 24.69 6.82
CA SER A 4 12.38 25.15 7.78
C SER A 4 10.96 25.08 7.21
N GLN A 5 10.78 25.49 5.96
CA GLN A 5 9.48 25.38 5.32
C GLN A 5 8.98 23.94 5.34
N LYS A 6 9.92 23.00 5.19
CA LYS A 6 9.57 21.60 5.07
C LYS A 6 9.38 20.95 6.43
N CYS A 7 10.18 21.36 7.41
CA CYS A 7 10.05 20.84 8.78
C CYS A 7 8.81 21.36 9.48
N GLU A 8 8.51 22.64 9.32
CA GLU A 8 7.32 23.20 9.93
C GLU A 8 6.08 22.54 9.34
N GLU A 9 6.07 22.36 8.03
CA GLU A 9 4.96 21.66 7.39
C GLU A 9 4.82 20.24 7.93
N LYS A 10 5.95 19.55 8.07
CA LYS A 10 5.97 18.16 8.55
C LYS A 10 5.34 18.01 9.94
N TYR A 11 5.59 18.95 10.84
CA TYR A 11 5.07 18.84 12.21
C TYR A 11 3.93 19.81 12.49
N LYS A 12 2.88 19.70 11.68
CA LYS A 12 1.73 20.58 11.76
C LYS A 12 0.43 19.77 11.68
N ARG A 17 4.75 16.24 18.90
CA ARG A 17 6.17 16.06 18.64
C ARG A 17 6.76 17.30 17.99
N LYS A 18 6.11 18.44 18.20
CA LYS A 18 6.54 19.71 17.65
C LYS A 18 8.01 20.05 17.97
N ALA A 19 8.52 19.54 19.10
CA ALA A 19 9.92 19.76 19.45
C ALA A 19 10.84 19.26 18.34
N CYS A 20 10.43 18.17 17.70
CA CYS A 20 11.24 17.54 16.66
C CYS A 20 11.58 18.48 15.51
N ILE A 21 10.79 19.54 15.34
CA ILE A 21 11.07 20.56 14.33
C ILE A 21 12.54 20.98 14.33
N HIS A 22 13.10 21.18 15.52
CA HIS A 22 14.48 21.68 15.62
C HIS A 22 15.48 20.66 15.07
N HIS A 23 15.39 19.42 15.55
CA HIS A 23 16.23 18.37 15.03
C HIS A 23 16.08 18.24 13.51
N CYS A 24 14.83 18.30 13.05
CA CYS A 24 14.55 18.27 11.62
C CYS A 24 15.44 19.23 10.84
N LYS A 25 15.43 20.51 11.23
CA LYS A 25 16.24 21.47 10.51
C LYS A 25 17.71 21.10 10.61
N TYR A 26 18.14 20.68 11.80
CA TYR A 26 19.56 20.51 12.01
C TYR A 26 20.16 19.37 11.19
N GLN A 27 19.37 18.33 10.94
CA GLN A 27 19.81 17.23 10.09
C GLN A 27 19.93 17.66 8.63
N TYR A 28 18.96 18.45 8.16
CA TYR A 28 19.09 19.06 6.84
C TYR A 28 20.31 19.97 6.74
N TYR A 29 20.55 20.78 7.77
CA TYR A 29 21.72 21.65 7.75
C TYR A 29 23.00 20.82 7.82
N GLY A 30 22.88 19.60 8.32
CA GLY A 30 24.03 18.74 8.52
C GLY A 30 24.76 18.99 9.84
N PHE A 31 24.14 19.73 10.75
CA PHE A 31 24.73 20.00 12.06
C PHE A 31 24.52 18.83 13.01
N ILE A 32 23.54 17.98 12.69
CA ILE A 32 23.29 16.77 13.48
C ILE A 32 23.01 15.61 12.54
N ASP A 33 23.50 14.42 12.90
CA ASP A 33 23.33 13.25 12.06
C ASP A 33 21.87 12.78 12.07
N VAL A 34 21.52 11.92 11.13
CA VAL A 34 20.15 11.46 10.97
C VAL A 34 19.80 10.45 12.04
N ASN A 35 20.82 9.99 12.75
CA ASN A 35 20.59 9.11 13.89
C ASN A 35 20.73 9.89 15.19
N TYR A 36 20.79 11.21 15.07
CA TYR A 36 20.83 12.13 16.20
C TYR A 36 22.25 12.36 16.73
N ASN A 37 23.20 11.62 16.19
CA ASN A 37 24.56 11.76 16.65
C ASN A 37 25.20 13.07 16.22
N ILE A 38 26.16 13.52 17.02
CA ILE A 38 27.04 14.61 16.66
C ILE A 38 28.46 14.06 16.70
N ALA A 39 29.16 14.16 15.57
CA ALA A 39 30.51 13.65 15.46
C ALA A 39 31.33 14.67 14.73
N GLN A 40 32.57 14.31 14.39
CA GLN A 40 33.52 15.24 13.79
C GLN A 40 32.93 15.99 12.59
N PRO A 41 32.37 15.24 11.63
CA PRO A 41 31.82 15.89 10.42
C PRO A 41 30.69 16.86 10.75
N GLU A 42 29.82 16.48 11.68
CA GLU A 42 28.76 17.38 12.12
C GLU A 42 29.37 18.66 12.69
N ILE A 43 30.41 18.48 13.51
CA ILE A 43 31.10 19.59 14.13
C ILE A 43 31.81 20.46 13.09
N ARG A 44 32.34 19.81 12.06
CA ARG A 44 32.97 20.49 10.93
C ARG A 44 31.94 21.37 10.23
N LYS A 45 30.83 20.75 9.82
CA LYS A 45 29.78 21.45 9.10
C LYS A 45 29.26 22.66 9.86
N PHE A 46 28.96 22.45 11.13
CA PHE A 46 28.40 23.50 11.99
C PHE A 46 29.41 24.65 12.11
N SER A 47 30.62 24.35 12.54
CA SER A 47 31.62 25.39 12.73
C SER A 47 31.89 26.14 11.43
N ASN A 48 31.98 25.42 10.32
CA ASN A 48 32.23 26.06 9.04
C ASN A 48 31.13 27.05 8.65
N VAL A 49 29.87 26.61 8.77
CA VAL A 49 28.73 27.45 8.42
C VAL A 49 28.76 28.75 9.23
N LEU A 50 29.05 28.62 10.53
CA LEU A 50 29.09 29.78 11.39
C LEU A 50 30.13 30.79 10.89
N MET A 51 31.32 30.30 10.60
CA MET A 51 32.42 31.13 10.11
C MET A 51 32.14 31.76 8.74
N ASP A 52 31.73 30.93 7.78
CA ASP A 52 31.46 31.44 6.45
C ASP A 52 30.44 32.58 6.47
N TYR A 53 29.55 32.56 7.46
CA TYR A 53 28.56 33.63 7.60
C TYR A 53 29.02 34.73 8.56
N GLY A 54 30.26 34.60 9.02
CA GLY A 54 30.90 35.65 9.80
C GLY A 54 30.50 35.72 11.26
N VAL A 55 29.64 34.81 11.68
CA VAL A 55 29.20 34.76 13.08
C VAL A 55 30.40 34.60 14.00
N VAL A 56 31.45 33.95 13.52
CA VAL A 56 32.66 33.81 14.30
C VAL A 56 33.87 33.94 13.38
N ASP A 57 34.91 34.61 13.88
CA ASP A 57 36.12 34.80 13.09
C ASP A 57 36.93 33.51 12.99
N ARG A 58 37.55 33.29 11.83
CA ARG A 58 38.29 32.06 11.59
C ARG A 58 39.50 31.90 12.51
N SER A 59 39.92 32.99 13.14
CA SER A 59 41.01 32.92 14.11
C SER A 59 40.54 32.30 15.42
N LYS A 60 39.36 31.69 15.39
CA LYS A 60 38.75 31.12 16.59
C LYS A 60 38.41 29.65 16.42
N LYS A 61 38.66 29.11 15.22
CA LYS A 61 38.30 27.73 14.86
C LYS A 61 38.48 26.61 15.87
N ARG A 62 39.71 26.43 16.33
CA ARG A 62 40.01 25.43 17.36
C ARG A 62 39.06 25.54 18.56
N GLU A 63 38.86 26.77 19.04
CA GLU A 63 38.03 27.01 20.22
C GLU A 63 36.51 26.98 19.97
N LEU A 64 36.07 27.35 18.78
CA LEU A 64 34.66 27.19 18.45
C LEU A 64 34.35 25.70 18.38
N LYS A 65 35.14 24.97 17.58
CA LYS A 65 35.00 23.52 17.47
C LYS A 65 35.17 22.88 18.84
N LYS A 66 35.85 23.57 19.74
CA LYS A 66 36.07 23.01 21.07
C LYS A 66 34.77 22.95 21.85
N VAL A 67 34.01 24.05 21.83
CA VAL A 67 32.74 24.07 22.56
C VAL A 67 31.77 23.04 21.99
N MET A 68 31.76 22.89 20.66
CA MET A 68 30.86 21.94 20.02
C MET A 68 31.27 20.52 20.42
N HIS A 69 32.56 20.32 20.58
CA HIS A 69 33.10 19.04 20.97
C HIS A 69 32.64 18.70 22.39
N ASP A 70 32.84 19.63 23.30
CA ASP A 70 32.51 19.41 24.71
C ASP A 70 31.01 19.36 24.94
N CYS A 71 30.25 20.11 24.14
CA CYS A 71 28.80 20.06 24.19
C CYS A 71 28.30 18.69 23.75
N ALA A 72 28.91 18.15 22.70
CA ALA A 72 28.53 16.83 22.24
C ALA A 72 28.85 15.83 23.35
N LYS A 73 30.05 15.95 23.88
CA LYS A 73 30.54 15.05 24.91
C LYS A 73 29.61 15.08 26.11
N LYS A 74 29.13 16.28 26.41
CA LYS A 74 28.24 16.52 27.56
C LYS A 74 26.79 16.03 27.37
N ILE A 75 26.22 16.20 26.18
CA ILE A 75 24.86 15.70 25.92
C ILE A 75 24.80 14.18 26.01
N LYS A 76 25.79 13.52 25.42
CA LYS A 76 25.86 12.07 25.43
C LYS A 76 25.94 11.56 26.87
N LYS A 77 26.77 12.21 27.66
CA LYS A 77 26.96 11.84 29.06
C LYS A 77 25.67 12.01 29.88
N GLU A 78 24.92 13.08 29.64
CA GLU A 78 23.63 13.24 30.29
C GLU A 78 22.58 12.26 29.75
N ALA A 79 22.68 11.90 28.47
CA ALA A 79 21.77 10.92 27.90
C ALA A 79 21.96 9.54 28.53
N ARG A 80 23.22 9.14 28.70
CA ARG A 80 23.53 7.85 29.33
C ARG A 80 23.08 7.83 30.80
N THR A 81 23.19 8.99 31.44
CA THR A 81 22.72 9.15 32.82
C THR A 81 21.25 8.74 32.97
N GLY A 82 20.43 9.14 32.00
CA GLY A 82 19.03 8.76 32.00
C GLY A 82 18.77 7.46 31.25
N ASP A 83 19.83 6.68 31.04
CA ASP A 83 19.72 5.39 30.38
C ASP A 83 18.96 5.44 29.05
N HIS A 84 19.42 6.30 28.16
CA HIS A 84 18.87 6.36 26.80
C HIS A 84 19.94 6.99 25.92
N TRP A 85 19.66 7.15 24.63
CA TRP A 85 20.65 7.79 23.77
C TRP A 85 20.13 9.08 23.16
N LEU A 86 20.75 9.52 22.08
CA LEU A 86 20.41 10.82 21.52
C LEU A 86 19.02 10.84 20.89
N ASN A 87 18.36 11.98 20.95
CA ASN A 87 17.02 12.12 20.40
C ASN A 87 16.66 13.56 20.08
N CYS A 88 15.37 13.82 19.85
CA CYS A 88 14.90 15.17 19.52
C CYS A 88 15.32 16.15 20.60
N ARG A 89 15.20 15.69 21.85
CA ARG A 89 15.46 16.54 22.99
C ARG A 89 16.96 16.81 23.07
N THR A 90 17.78 15.80 22.75
CA THR A 90 19.21 16.01 22.84
C THR A 90 19.67 16.94 21.72
N SER A 91 18.93 16.97 20.63
CA SER A 91 19.28 17.85 19.54
C SER A 91 19.04 19.28 19.98
N ILE A 92 17.94 19.52 20.69
CA ILE A 92 17.66 20.83 21.26
C ILE A 92 18.70 21.16 22.32
N ASP A 93 19.01 20.18 23.18
CA ASP A 93 19.96 20.41 24.25
C ASP A 93 21.37 20.72 23.77
N TYR A 94 21.70 20.25 22.57
CA TYR A 94 23.00 20.49 21.98
C TYR A 94 23.13 21.95 21.54
N TYR A 95 22.10 22.45 20.86
CA TYR A 95 22.05 23.86 20.52
C TYR A 95 22.15 24.74 21.78
N ARG A 96 21.37 24.44 22.81
CA ARG A 96 21.39 25.25 24.02
C ARG A 96 22.82 25.35 24.53
N CYS A 97 23.40 24.21 24.86
CA CYS A 97 24.77 24.17 25.34
C CYS A 97 25.73 24.98 24.43
N VAL A 98 25.63 24.80 23.12
CA VAL A 98 26.49 25.55 22.20
C VAL A 98 26.24 27.05 22.26
N LEU A 99 24.98 27.45 22.41
CA LEU A 99 24.65 28.87 22.55
C LEU A 99 24.96 29.48 23.93
N THR A 100 25.43 28.70 24.88
CA THR A 100 25.77 29.31 26.16
C THR A 100 27.16 29.95 26.09
N SER A 101 27.95 29.56 25.08
CA SER A 101 29.30 30.11 24.91
C SER A 101 29.30 31.59 24.51
N LYS A 102 30.26 32.34 25.03
CA LYS A 102 30.33 33.77 24.78
C LYS A 102 30.85 34.13 23.36
N LEU A 103 31.44 33.16 22.68
CA LEU A 103 31.91 33.35 21.30
C LEU A 103 30.82 33.78 20.33
N ILE A 104 29.60 33.30 20.55
CA ILE A 104 28.53 33.48 19.58
C ILE A 104 27.60 34.63 19.92
N GLY A 105 27.21 35.40 18.90
CA GLY A 105 26.26 36.48 19.07
C GLY A 105 24.87 36.01 18.69
N PRO A 106 23.97 35.88 19.68
CA PRO A 106 22.65 35.30 19.46
C PRO A 106 21.94 35.83 18.20
N GLN A 107 21.72 37.13 18.10
CA GLN A 107 21.11 37.70 16.90
C GLN A 107 21.88 37.32 15.62
N ARG A 108 23.21 37.35 15.70
CA ARG A 108 24.05 37.03 14.55
C ARG A 108 23.96 35.56 14.19
N PHE A 109 23.90 34.72 15.22
CA PHE A 109 23.69 33.30 15.00
C PHE A 109 22.35 33.05 14.31
N ASP A 110 21.28 33.58 14.89
CA ASP A 110 19.96 33.37 14.31
C ASP A 110 19.90 33.74 12.84
N LYS A 111 20.37 34.94 12.49
CA LYS A 111 20.27 35.41 11.11
C LYS A 111 21.09 34.54 10.15
N ALA A 112 22.26 34.11 10.61
CA ALA A 112 23.10 33.22 9.81
C ALA A 112 22.32 31.96 9.46
N ILE A 113 21.81 31.28 10.48
CA ILE A 113 21.04 30.06 10.26
C ILE A 113 19.84 30.32 9.35
N GLN A 114 19.23 31.49 9.48
CA GLN A 114 18.11 31.84 8.61
C GLN A 114 18.58 32.04 7.16
N ASP A 115 19.75 32.65 7.00
CA ASP A 115 20.30 32.89 5.67
C ASP A 115 20.72 31.57 5.02
N TYR A 116 21.51 30.80 5.76
CA TYR A 116 22.01 29.51 5.31
C TYR A 116 20.86 28.56 4.96
N ASP A 117 19.74 28.69 5.66
CA ASP A 117 18.57 27.88 5.39
C ASP A 117 18.01 28.18 4.01
N LYS A 118 18.09 29.43 3.58
CA LYS A 118 17.49 29.84 2.32
C LYS A 118 18.22 29.24 1.12
N THR A 119 19.41 28.68 1.37
CA THR A 119 20.27 28.21 0.29
C THR A 119 20.12 26.70 0.08
N ILE A 120 19.03 26.12 0.59
CA ILE A 120 18.87 24.67 0.54
C ILE A 120 17.52 24.19 0.02
N SER A 121 17.57 23.14 -0.80
CA SER A 121 16.40 22.31 -1.09
C SER A 121 16.77 20.90 -0.70
N VAL A 122 15.82 20.12 -0.19
CA VAL A 122 14.45 20.56 0.02
C VAL A 122 14.13 20.51 1.51
N GLU B 1 27.97 -22.70 -3.19
CA GLU B 1 27.62 -23.89 -2.43
C GLU B 1 26.21 -23.75 -1.85
N THR B 2 26.08 -23.04 -0.73
CA THR B 2 24.76 -22.61 -0.24
C THR B 2 24.28 -21.38 -0.98
N PRO B 3 22.96 -21.14 -0.98
CA PRO B 3 22.44 -19.92 -1.62
C PRO B 3 23.04 -18.64 -1.04
N SER B 4 23.13 -18.55 0.29
CA SER B 4 23.69 -17.34 0.86
C SER B 4 25.16 -17.20 0.45
N GLN B 5 25.82 -18.30 0.15
CA GLN B 5 27.18 -18.22 -0.33
C GLN B 5 27.19 -17.67 -1.74
N LYS B 6 26.47 -18.33 -2.66
CA LYS B 6 26.50 -17.93 -4.07
C LYS B 6 26.04 -16.50 -4.24
N CYS B 7 25.00 -16.13 -3.50
CA CYS B 7 24.43 -14.79 -3.59
C CYS B 7 25.34 -13.69 -3.07
N GLU B 8 25.96 -13.91 -1.91
CA GLU B 8 26.88 -12.90 -1.37
C GLU B 8 28.05 -12.73 -2.31
N GLU B 9 28.49 -13.83 -2.90
CA GLU B 9 29.66 -13.82 -3.78
C GLU B 9 29.32 -13.13 -5.11
N LYS B 10 28.08 -13.26 -5.54
CA LYS B 10 27.65 -12.66 -6.79
C LYS B 10 27.51 -11.14 -6.67
N TYR B 11 27.07 -10.66 -5.50
CA TYR B 11 26.81 -9.23 -5.34
C TYR B 11 27.93 -8.49 -4.61
N LYS B 12 29.14 -8.69 -5.13
CA LYS B 12 30.35 -8.08 -4.60
C LYS B 12 31.46 -8.09 -5.66
N GLU B 16 26.72 -2.46 -4.70
CA GLU B 16 25.66 -1.48 -4.94
C GLU B 16 24.29 -2.13 -5.19
N ARG B 17 24.19 -2.99 -6.21
CA ARG B 17 22.98 -3.77 -6.46
C ARG B 17 23.03 -4.83 -5.36
N LYS B 18 23.38 -4.40 -4.16
CA LYS B 18 23.45 -5.24 -2.98
C LYS B 18 22.07 -5.66 -2.48
N ALA B 19 21.05 -4.87 -2.79
CA ALA B 19 19.70 -5.23 -2.35
C ALA B 19 19.23 -6.54 -3.01
N CYS B 20 19.82 -6.91 -4.13
CA CYS B 20 19.37 -8.10 -4.85
C CYS B 20 19.77 -9.41 -4.16
N ILE B 21 20.63 -9.31 -3.17
CA ILE B 21 21.04 -10.47 -2.40
C ILE B 21 19.81 -11.17 -1.81
N HIS B 22 18.87 -10.38 -1.32
CA HIS B 22 17.67 -10.93 -0.72
C HIS B 22 16.83 -11.75 -1.74
N HIS B 23 16.52 -11.15 -2.87
CA HIS B 23 15.73 -11.85 -3.88
C HIS B 23 16.44 -13.13 -4.28
N CYS B 24 17.73 -12.97 -4.59
CA CYS B 24 18.58 -14.06 -5.02
C CYS B 24 18.49 -15.26 -4.07
N LYS B 25 18.54 -15.00 -2.77
CA LYS B 25 18.34 -16.06 -1.80
C LYS B 25 16.93 -16.64 -1.94
N TYR B 26 15.93 -15.79 -1.94
CA TYR B 26 14.55 -16.25 -1.90
C TYR B 26 14.17 -17.05 -3.14
N GLN B 27 14.80 -16.72 -4.25
CA GLN B 27 14.57 -17.42 -5.50
C GLN B 27 15.14 -18.83 -5.44
N TYR B 28 16.32 -18.96 -4.85
CA TYR B 28 16.90 -20.28 -4.57
C TYR B 28 16.04 -21.07 -3.61
N TYR B 29 15.48 -20.39 -2.61
CA TYR B 29 14.68 -21.07 -1.60
C TYR B 29 13.35 -21.53 -2.18
N GLY B 30 12.88 -20.83 -3.22
CA GLY B 30 11.58 -21.12 -3.82
C GLY B 30 10.44 -20.26 -3.29
N PHE B 31 10.76 -19.27 -2.45
CA PHE B 31 9.71 -18.42 -1.89
C PHE B 31 9.31 -17.37 -2.91
N ILE B 32 10.17 -17.14 -3.89
CA ILE B 32 9.87 -16.16 -4.93
C ILE B 32 10.36 -16.69 -6.23
N ASP B 33 9.57 -16.52 -7.29
CA ASP B 33 9.90 -17.06 -8.60
C ASP B 33 11.09 -16.29 -9.22
N VAL B 34 11.85 -16.94 -10.10
CA VAL B 34 12.95 -16.32 -10.82
C VAL B 34 12.57 -15.10 -11.64
N ASN B 35 11.28 -14.89 -11.88
CA ASN B 35 10.83 -13.70 -12.58
C ASN B 35 10.28 -12.65 -11.60
N TYR B 36 10.54 -12.87 -10.32
CA TYR B 36 10.15 -12.00 -9.20
C TYR B 36 8.68 -12.11 -8.74
N ASN B 37 7.93 -13.01 -9.34
CA ASN B 37 6.53 -13.22 -9.00
C ASN B 37 6.31 -14.09 -7.73
N ILE B 38 5.20 -13.85 -7.06
CA ILE B 38 4.76 -14.74 -5.99
C ILE B 38 3.36 -15.25 -6.31
N ALA B 39 3.24 -16.56 -6.54
CA ALA B 39 1.94 -17.16 -6.81
C ALA B 39 1.69 -18.28 -5.81
N GLN B 40 0.67 -19.09 -6.04
CA GLN B 40 0.34 -20.17 -5.11
C GLN B 40 1.44 -21.20 -4.85
N PRO B 41 2.19 -21.59 -5.89
CA PRO B 41 3.33 -22.50 -5.61
C PRO B 41 4.40 -21.89 -4.72
N GLU B 42 4.66 -20.59 -4.83
CA GLU B 42 5.64 -19.96 -3.94
C GLU B 42 5.10 -19.81 -2.52
N ILE B 43 3.81 -19.48 -2.42
CA ILE B 43 3.19 -19.38 -1.12
C ILE B 43 3.14 -20.76 -0.46
N ARG B 44 2.96 -21.79 -1.29
CA ARG B 44 2.87 -23.15 -0.80
C ARG B 44 4.23 -23.57 -0.23
N LYS B 45 5.30 -23.26 -0.96
CA LYS B 45 6.64 -23.58 -0.52
C LYS B 45 7.06 -22.83 0.75
N PHE B 46 6.88 -21.52 0.75
CA PHE B 46 7.23 -20.68 1.90
C PHE B 46 6.46 -21.10 3.16
N SER B 47 5.15 -21.27 3.02
CA SER B 47 4.35 -21.68 4.16
C SER B 47 4.77 -23.07 4.64
N ASN B 48 5.04 -23.97 3.71
CA ASN B 48 5.45 -25.29 4.10
C ASN B 48 6.77 -25.28 4.87
N VAL B 49 7.69 -24.40 4.50
CA VAL B 49 8.95 -24.39 5.22
C VAL B 49 8.74 -23.92 6.64
N LEU B 50 7.98 -22.85 6.80
CA LEU B 50 7.75 -22.29 8.13
C LEU B 50 7.07 -23.29 9.04
N MET B 51 6.12 -24.03 8.50
CA MET B 51 5.38 -24.97 9.30
C MET B 51 6.17 -26.22 9.62
N ASP B 52 6.96 -26.69 8.66
CA ASP B 52 7.79 -27.87 8.82
C ASP B 52 8.86 -27.66 9.89
N TYR B 53 9.42 -26.46 9.92
CA TYR B 53 10.43 -26.09 10.90
C TYR B 53 9.81 -25.68 12.22
N GLY B 54 8.48 -25.65 12.29
CA GLY B 54 7.79 -25.30 13.51
C GLY B 54 7.91 -23.83 13.89
N VAL B 55 8.15 -22.97 12.90
CA VAL B 55 8.14 -21.54 13.15
C VAL B 55 6.73 -21.04 13.38
N VAL B 56 5.76 -21.76 12.79
CA VAL B 56 4.34 -21.44 12.95
C VAL B 56 3.56 -22.74 13.15
N ASP B 57 2.69 -22.75 14.15
CA ASP B 57 1.90 -23.94 14.49
C ASP B 57 1.14 -24.46 13.27
N ARG B 58 0.75 -25.73 13.28
CA ARG B 58 0.10 -26.34 12.12
C ARG B 58 -1.33 -25.87 11.92
N SER B 59 -1.95 -25.44 13.02
CA SER B 59 -3.34 -25.01 12.99
C SER B 59 -3.50 -23.64 12.35
N LYS B 60 -2.41 -22.88 12.29
CA LYS B 60 -2.45 -21.55 11.68
C LYS B 60 -2.11 -21.59 10.18
N LYS B 61 -2.14 -22.79 9.57
CA LYS B 61 -1.76 -22.96 8.17
C LYS B 61 -2.56 -22.06 7.24
N ARG B 62 -3.88 -22.17 7.33
CA ARG B 62 -4.79 -21.36 6.56
C ARG B 62 -4.48 -19.87 6.80
N GLU B 63 -4.32 -19.52 8.08
CA GLU B 63 -4.01 -18.15 8.47
C GLU B 63 -2.68 -17.66 7.89
N LEU B 64 -1.69 -18.55 7.89
CA LEU B 64 -0.35 -18.21 7.45
C LEU B 64 -0.34 -18.03 5.94
N LYS B 65 -1.09 -18.86 5.24
CA LYS B 65 -1.14 -18.72 3.80
C LYS B 65 -1.87 -17.46 3.45
N LYS B 66 -2.89 -17.11 4.23
CA LYS B 66 -3.65 -15.89 3.94
C LYS B 66 -2.79 -14.66 4.13
N VAL B 67 -1.90 -14.68 5.12
CA VAL B 67 -0.93 -13.60 5.26
C VAL B 67 -0.13 -13.43 3.96
N MET B 68 0.54 -14.49 3.54
CA MET B 68 1.38 -14.42 2.35
C MET B 68 0.60 -14.06 1.09
N HIS B 69 -0.53 -14.71 0.89
CA HIS B 69 -1.42 -14.39 -0.22
C HIS B 69 -1.82 -12.90 -0.25
N ASP B 70 -2.22 -12.35 0.89
CA ASP B 70 -2.55 -10.92 0.94
C ASP B 70 -1.34 -10.02 0.72
N CYS B 71 -0.18 -10.43 1.22
CA CYS B 71 1.04 -9.68 1.00
C CYS B 71 1.42 -9.61 -0.49
N ALA B 72 1.34 -10.75 -1.17
CA ALA B 72 1.55 -10.79 -2.61
C ALA B 72 0.61 -9.83 -3.33
N LYS B 73 -0.65 -9.82 -2.89
CA LYS B 73 -1.69 -9.01 -3.54
C LYS B 73 -1.35 -7.54 -3.37
N LYS B 74 -0.86 -7.21 -2.18
CA LYS B 74 -0.53 -5.84 -1.81
C LYS B 74 0.69 -5.32 -2.59
N ILE B 75 1.80 -6.06 -2.52
CA ILE B 75 3.02 -5.68 -3.22
C ILE B 75 2.76 -5.44 -4.70
N LYS B 76 1.95 -6.29 -5.31
CA LYS B 76 1.65 -6.18 -6.73
C LYS B 76 0.83 -4.94 -7.00
N LYS B 77 -0.16 -4.69 -6.14
CA LYS B 77 -0.99 -3.49 -6.25
C LYS B 77 -0.16 -2.20 -6.19
N GLU B 78 0.77 -2.13 -5.24
CA GLU B 78 1.62 -0.94 -5.06
C GLU B 78 2.59 -0.79 -6.22
N ALA B 79 3.08 -1.92 -6.73
CA ALA B 79 3.95 -1.97 -7.89
C ALA B 79 3.33 -1.30 -9.12
N ARG B 80 2.06 -1.60 -9.38
CA ARG B 80 1.39 -1.04 -10.54
C ARG B 80 1.07 0.45 -10.38
N THR B 81 0.74 0.83 -9.15
CA THR B 81 0.58 2.23 -8.79
C THR B 81 1.77 3.06 -9.27
N GLY B 82 2.97 2.51 -9.10
CA GLY B 82 4.19 3.17 -9.57
C GLY B 82 4.60 2.78 -10.98
N ASP B 83 3.64 2.35 -11.81
CA ASP B 83 3.86 2.02 -13.22
C ASP B 83 4.98 1.00 -13.50
N HIS B 84 5.16 0.03 -12.61
CA HIS B 84 6.11 -1.02 -12.87
C HIS B 84 5.56 -2.35 -12.34
N TRP B 85 6.41 -3.36 -12.29
CA TRP B 85 5.99 -4.65 -11.82
C TRP B 85 7.00 -5.10 -10.76
N LEU B 86 7.09 -6.40 -10.52
CA LEU B 86 7.93 -6.89 -9.43
C LEU B 86 9.44 -6.74 -9.69
N ASN B 87 10.23 -6.64 -8.62
CA ASN B 87 11.69 -6.60 -8.72
C ASN B 87 12.38 -6.93 -7.40
N CYS B 88 13.64 -6.54 -7.29
CA CYS B 88 14.46 -6.83 -6.12
C CYS B 88 13.88 -6.16 -4.91
N ARG B 89 13.26 -5.02 -5.14
CA ARG B 89 12.73 -4.21 -4.05
C ARG B 89 11.41 -4.80 -3.58
N THR B 90 10.59 -5.26 -4.52
CA THR B 90 9.33 -5.88 -4.12
C THR B 90 9.55 -7.20 -3.38
N SER B 91 10.67 -7.85 -3.65
CA SER B 91 10.98 -9.09 -2.96
C SER B 91 11.32 -8.82 -1.51
N ILE B 92 11.99 -7.69 -1.26
CA ILE B 92 12.24 -7.25 0.10
C ILE B 92 10.91 -6.84 0.75
N ASP B 93 10.06 -6.16 0.00
CA ASP B 93 8.78 -5.72 0.55
C ASP B 93 7.90 -6.87 0.93
N TYR B 94 7.96 -7.93 0.14
CA TYR B 94 7.19 -9.12 0.41
C TYR B 94 7.61 -9.69 1.75
N TYR B 95 8.92 -9.85 1.94
CA TYR B 95 9.42 -10.36 3.20
C TYR B 95 8.98 -9.49 4.40
N ARG B 96 9.03 -8.16 4.24
CA ARG B 96 8.71 -7.28 5.36
C ARG B 96 7.22 -7.31 5.67
N CYS B 97 6.40 -7.45 4.63
CA CYS B 97 4.96 -7.51 4.82
C CYS B 97 4.58 -8.83 5.53
N VAL B 98 5.19 -9.93 5.10
CA VAL B 98 4.97 -11.22 5.76
C VAL B 98 5.45 -11.26 7.20
N LEU B 99 6.62 -10.68 7.46
CA LEU B 99 7.11 -10.63 8.83
C LEU B 99 6.42 -9.59 9.73
N THR B 100 5.53 -8.78 9.15
CA THR B 100 4.74 -7.87 9.95
C THR B 100 3.80 -8.69 10.81
N SER B 101 3.52 -9.91 10.35
CA SER B 101 2.53 -10.76 11.00
C SER B 101 2.97 -11.32 12.33
N LYS B 102 2.03 -11.35 13.28
CA LYS B 102 2.29 -11.87 14.62
C LYS B 102 2.34 -13.40 14.71
N LEU B 103 1.99 -14.09 13.62
CA LEU B 103 2.09 -15.55 13.59
C LEU B 103 3.54 -16.01 13.73
N ILE B 104 4.45 -15.18 13.25
CA ILE B 104 5.84 -15.56 13.04
C ILE B 104 6.76 -15.02 14.11
N GLY B 105 7.38 -15.92 14.86
CA GLY B 105 8.42 -15.51 15.81
C GLY B 105 9.68 -15.18 15.04
N PRO B 106 10.21 -13.97 15.23
CA PRO B 106 11.34 -13.51 14.40
C PRO B 106 12.62 -14.34 14.57
N GLN B 107 13.00 -14.68 15.80
CA GLN B 107 14.22 -15.46 15.98
C GLN B 107 14.05 -16.86 15.40
N ARG B 108 12.90 -17.46 15.66
CA ARG B 108 12.60 -18.76 15.08
C ARG B 108 12.62 -18.69 13.56
N PHE B 109 12.04 -17.63 13.00
CA PHE B 109 12.07 -17.44 11.57
C PHE B 109 13.52 -17.51 11.06
N ASP B 110 14.32 -16.56 11.50
CA ASP B 110 15.73 -16.47 11.13
C ASP B 110 16.53 -17.76 11.30
N LYS B 111 16.37 -18.43 12.43
CA LYS B 111 17.06 -19.70 12.68
C LYS B 111 16.66 -20.79 11.66
N ALA B 112 15.37 -20.86 11.35
CA ALA B 112 14.85 -21.80 10.37
C ALA B 112 15.43 -21.54 8.99
N ILE B 113 15.32 -20.29 8.54
CA ILE B 113 15.85 -19.91 7.25
C ILE B 113 17.35 -20.16 7.09
N GLN B 114 18.11 -19.99 8.17
CA GLN B 114 19.54 -20.26 8.11
C GLN B 114 19.78 -21.75 8.01
N ASP B 115 18.95 -22.53 8.70
CA ASP B 115 18.99 -23.98 8.64
C ASP B 115 18.68 -24.48 7.23
N TYR B 116 17.66 -23.88 6.62
CA TYR B 116 17.14 -24.32 5.35
C TYR B 116 18.16 -24.01 4.28
N ASP B 117 18.72 -22.80 4.35
CA ASP B 117 19.77 -22.36 3.44
C ASP B 117 20.93 -23.34 3.37
N LYS B 118 21.25 -23.95 4.49
CA LYS B 118 22.38 -24.88 4.55
C LYS B 118 22.04 -26.24 3.94
N THR B 119 20.76 -26.49 3.70
CA THR B 119 20.33 -27.76 3.12
C THR B 119 20.18 -27.66 1.60
N ILE B 120 20.52 -26.51 1.05
CA ILE B 120 20.37 -26.30 -0.39
C ILE B 120 21.69 -26.08 -1.11
N SER B 121 21.85 -26.75 -2.24
CA SER B 121 22.93 -26.42 -3.17
C SER B 121 22.30 -26.45 -4.54
N VAL B 122 22.73 -25.57 -5.44
CA VAL B 122 23.83 -24.65 -5.21
C VAL B 122 23.31 -23.30 -4.74
N GLU C 1 32.34 5.19 -3.95
CA GLU C 1 33.64 4.55 -3.74
C GLU C 1 33.77 4.01 -2.33
N THR C 2 33.45 4.84 -1.35
CA THR C 2 33.31 4.39 0.04
C THR C 2 31.82 4.38 0.41
N PRO C 3 31.40 3.44 1.28
CA PRO C 3 29.98 3.36 1.64
C PRO C 3 29.46 4.73 2.04
N SER C 4 30.13 5.37 3.00
CA SER C 4 29.79 6.71 3.42
C SER C 4 29.53 7.62 2.21
N GLN C 5 30.48 7.68 1.29
CA GLN C 5 30.32 8.47 0.08
C GLN C 5 29.12 8.05 -0.77
N LYS C 6 29.03 6.76 -1.12
CA LYS C 6 27.92 6.29 -1.95
C LYS C 6 26.56 6.64 -1.35
N CYS C 7 26.46 6.49 -0.04
CA CYS C 7 25.21 6.77 0.64
C CYS C 7 24.86 8.25 0.66
N GLU C 8 25.85 9.10 0.93
CA GLU C 8 25.64 10.54 0.87
C GLU C 8 25.21 10.91 -0.54
N GLU C 9 25.85 10.30 -1.53
CA GLU C 9 25.57 10.58 -2.93
C GLU C 9 24.17 10.14 -3.32
N LYS C 10 23.77 8.95 -2.87
CA LYS C 10 22.46 8.41 -3.23
C LYS C 10 21.34 9.31 -2.73
N TYR C 11 21.44 9.74 -1.47
CA TYR C 11 20.41 10.56 -0.86
C TYR C 11 20.82 12.02 -0.82
N LYS C 12 21.62 12.41 -1.81
CA LYS C 12 21.89 13.82 -2.08
C LYS C 12 20.91 14.27 -3.16
N GLU C 13 20.63 13.35 -4.10
CA GLU C 13 19.62 13.56 -5.13
C GLU C 13 18.28 13.92 -4.48
N ARG C 17 14.64 10.65 0.93
CA ARG C 17 14.44 10.40 2.35
C ARG C 17 15.78 10.33 3.07
N LYS C 18 16.22 11.48 3.58
CA LYS C 18 17.57 11.58 4.14
C LYS C 18 17.80 10.59 5.28
N ALA C 19 16.74 10.23 5.97
CA ALA C 19 16.90 9.33 7.11
C ALA C 19 17.53 8.01 6.66
N CYS C 20 17.29 7.64 5.40
CA CYS C 20 17.75 6.35 4.90
C CYS C 20 19.25 6.20 4.80
N ILE C 21 19.98 7.31 4.95
CA ILE C 21 21.44 7.27 4.90
C ILE C 21 22.04 6.30 5.92
N HIS C 22 21.48 6.31 7.12
CA HIS C 22 22.07 5.50 8.17
C HIS C 22 21.98 4.03 7.81
N HIS C 23 20.81 3.61 7.34
CA HIS C 23 20.64 2.23 6.95
C HIS C 23 21.55 1.88 5.77
N CYS C 24 21.53 2.72 4.75
CA CYS C 24 22.40 2.54 3.60
C CYS C 24 23.84 2.22 4.02
N LYS C 25 24.37 2.97 5.00
CA LYS C 25 25.73 2.70 5.43
C LYS C 25 25.81 1.33 6.09
N TYR C 26 24.94 1.09 7.06
CA TYR C 26 25.01 -0.11 7.88
C TYR C 26 24.87 -1.41 7.09
N GLN C 27 24.16 -1.36 5.97
CA GLN C 27 24.00 -2.55 5.19
C GLN C 27 25.29 -2.86 4.44
N TYR C 28 25.97 -1.83 3.96
CA TYR C 28 27.30 -2.01 3.37
C TYR C 28 28.27 -2.51 4.43
N TYR C 29 28.11 -2.08 5.67
CA TYR C 29 28.99 -2.52 6.75
C TYR C 29 28.68 -3.96 7.14
N GLY C 30 27.46 -4.39 6.85
CA GLY C 30 26.99 -5.70 7.27
C GLY C 30 26.44 -5.77 8.69
N PHE C 31 26.08 -4.63 9.25
CA PHE C 31 25.52 -4.55 10.62
C PHE C 31 24.02 -4.77 10.60
N ILE C 32 23.46 -4.66 9.41
CA ILE C 32 22.04 -4.76 9.18
C ILE C 32 21.89 -5.35 7.80
N ASP C 33 20.95 -6.28 7.66
CA ASP C 33 20.77 -6.97 6.39
C ASP C 33 20.03 -6.08 5.38
N VAL C 34 20.07 -6.47 4.11
CA VAL C 34 19.51 -5.62 3.07
C VAL C 34 17.99 -5.58 3.15
N ASN C 35 17.40 -6.53 3.86
CA ASN C 35 15.96 -6.53 4.11
C ASN C 35 15.62 -5.81 5.40
N TYR C 36 16.61 -5.15 5.99
CA TYR C 36 16.43 -4.34 7.20
C TYR C 36 16.55 -5.16 8.48
N ASN C 37 16.70 -6.47 8.33
CA ASN C 37 16.71 -7.36 9.47
C ASN C 37 18.05 -7.35 10.21
N ILE C 38 18.00 -7.55 11.53
CA ILE C 38 19.19 -7.81 12.31
C ILE C 38 19.15 -9.20 12.92
N ALA C 39 19.99 -10.09 12.41
CA ALA C 39 20.07 -11.44 12.97
C ALA C 39 21.48 -11.76 13.45
N GLN C 40 21.74 -13.05 13.70
CA GLN C 40 22.99 -13.46 14.30
C GLN C 40 24.21 -13.10 13.46
N PRO C 41 24.15 -13.36 12.13
CA PRO C 41 25.31 -12.95 11.33
C PRO C 41 25.57 -11.45 11.37
N GLU C 42 24.54 -10.62 11.48
CA GLU C 42 24.75 -9.18 11.62
C GLU C 42 25.33 -8.87 12.98
N ILE C 43 24.74 -9.44 14.02
CA ILE C 43 25.24 -9.26 15.37
C ILE C 43 26.70 -9.70 15.51
N ARG C 44 27.03 -10.84 14.93
CA ARG C 44 28.43 -11.29 14.94
C ARG C 44 29.32 -10.28 14.22
N LYS C 45 28.91 -9.85 13.05
CA LYS C 45 29.67 -8.86 12.29
C LYS C 45 29.87 -7.56 13.08
N PHE C 46 28.78 -7.01 13.62
CA PHE C 46 28.85 -5.73 14.34
C PHE C 46 29.79 -5.81 15.55
N SER C 47 29.71 -6.92 16.29
CA SER C 47 30.62 -7.15 17.40
C SER C 47 32.04 -7.07 16.91
N ASN C 48 32.38 -7.98 16.01
CA ASN C 48 33.75 -8.12 15.52
C ASN C 48 34.37 -6.79 15.11
N VAL C 49 33.64 -6.00 14.34
CA VAL C 49 34.20 -4.73 13.90
C VAL C 49 34.56 -3.89 15.12
N LEU C 50 33.61 -3.76 16.03
CA LEU C 50 33.84 -3.04 17.28
C LEU C 50 35.07 -3.58 18.01
N MET C 51 35.14 -4.90 18.10
CA MET C 51 36.12 -5.59 18.92
C MET C 51 37.56 -5.41 18.47
N ASP C 52 37.82 -5.53 17.17
CA ASP C 52 39.21 -5.45 16.71
C ASP C 52 39.63 -4.04 16.33
N TYR C 53 38.71 -3.09 16.49
CA TYR C 53 39.06 -1.68 16.43
C TYR C 53 39.31 -1.15 17.84
N GLY C 54 39.22 -2.05 18.81
CA GLY C 54 39.52 -1.72 20.19
C GLY C 54 38.52 -0.80 20.84
N VAL C 55 37.25 -0.89 20.44
CA VAL C 55 36.21 -0.11 21.08
C VAL C 55 35.72 -0.83 22.33
N VAL C 56 35.73 -2.15 22.26
CA VAL C 56 35.33 -3.01 23.38
C VAL C 56 36.34 -4.13 23.56
N ASP C 57 36.63 -4.50 24.80
CA ASP C 57 37.59 -5.56 25.04
C ASP C 57 37.01 -6.92 24.65
N ARG C 58 37.84 -7.78 24.06
CA ARG C 58 37.42 -9.11 23.66
C ARG C 58 36.91 -9.96 24.83
N SER C 59 37.33 -9.59 26.04
CA SER C 59 36.89 -10.30 27.23
C SER C 59 35.41 -10.05 27.49
N LYS C 60 34.90 -8.93 26.96
CA LYS C 60 33.49 -8.56 27.14
C LYS C 60 32.60 -8.92 25.94
N LYS C 61 33.11 -9.77 25.03
CA LYS C 61 32.38 -10.10 23.80
C LYS C 61 30.97 -10.65 24.05
N ARG C 62 30.85 -11.62 24.95
CA ARG C 62 29.54 -12.18 25.29
C ARG C 62 28.55 -11.10 25.71
N GLU C 63 29.03 -10.09 26.43
CA GLU C 63 28.19 -9.01 26.93
C GLU C 63 27.77 -8.06 25.79
N LEU C 64 28.70 -7.77 24.89
CA LEU C 64 28.42 -6.86 23.79
C LEU C 64 27.38 -7.47 22.87
N LYS C 65 27.48 -8.79 22.68
CA LYS C 65 26.53 -9.48 21.84
C LYS C 65 25.15 -9.52 22.49
N LYS C 66 25.10 -9.67 23.81
CA LYS C 66 23.81 -9.69 24.49
C LYS C 66 23.11 -8.35 24.33
N VAL C 67 23.88 -7.26 24.36
CA VAL C 67 23.35 -5.94 24.06
C VAL C 67 22.69 -5.88 22.69
N MET C 68 23.49 -6.10 21.65
CA MET C 68 23.00 -6.11 20.27
C MET C 68 21.80 -7.03 20.11
N HIS C 69 21.91 -8.24 20.65
CA HIS C 69 20.85 -9.23 20.57
C HIS C 69 19.58 -8.72 21.23
N ASP C 70 19.71 -8.12 22.41
CA ASP C 70 18.56 -7.57 23.13
C ASP C 70 17.90 -6.41 22.41
N CYS C 71 18.69 -5.66 21.65
CA CYS C 71 18.21 -4.51 20.91
C CYS C 71 17.40 -4.97 19.69
N ALA C 72 17.96 -5.91 18.94
CA ALA C 72 17.20 -6.53 17.87
C ALA C 72 15.81 -6.92 18.37
N LYS C 73 15.75 -7.62 19.50
CA LYS C 73 14.48 -8.10 20.01
C LYS C 73 13.55 -6.93 20.35
N LYS C 74 14.11 -5.92 20.99
CA LYS C 74 13.35 -4.74 21.41
C LYS C 74 12.76 -4.01 20.20
N ILE C 75 13.60 -3.74 19.21
CA ILE C 75 13.19 -3.04 18.00
C ILE C 75 12.08 -3.75 17.25
N LYS C 76 12.23 -5.06 17.07
CA LYS C 76 11.24 -5.84 16.36
C LYS C 76 9.95 -5.83 17.14
N LYS C 77 10.06 -5.98 18.46
CA LYS C 77 8.87 -5.92 19.31
C LYS C 77 8.11 -4.58 19.12
N GLU C 78 8.85 -3.46 19.12
CA GLU C 78 8.23 -2.15 18.86
C GLU C 78 7.57 -2.09 17.48
N ALA C 79 8.26 -2.61 16.48
CA ALA C 79 7.80 -2.55 15.10
C ALA C 79 6.46 -3.28 14.95
N ARG C 80 6.32 -4.40 15.65
CA ARG C 80 5.11 -5.21 15.56
C ARG C 80 3.97 -4.43 16.23
N THR C 81 4.27 -3.82 17.38
CA THR C 81 3.29 -3.05 18.12
C THR C 81 2.61 -2.00 17.22
N GLY C 82 3.37 -1.40 16.34
CA GLY C 82 2.84 -0.43 15.39
C GLY C 82 2.49 -1.01 14.03
N ASP C 83 2.36 -2.33 13.96
CA ASP C 83 1.83 -3.00 12.76
C ASP C 83 2.69 -2.80 11.52
N HIS C 84 4.00 -2.84 11.66
CA HIS C 84 4.87 -2.83 10.50
C HIS C 84 6.08 -3.67 10.83
N TRP C 85 7.04 -3.78 9.91
CA TRP C 85 8.25 -4.51 10.23
C TRP C 85 9.43 -3.55 10.18
N LEU C 86 10.63 -4.07 10.08
CA LEU C 86 11.83 -3.22 10.09
C LEU C 86 11.93 -2.30 8.86
N ASN C 87 12.62 -1.18 9.03
CA ASN C 87 12.80 -0.22 7.95
C ASN C 87 13.92 0.75 8.28
N CYS C 88 13.93 1.91 7.64
CA CYS C 88 14.99 2.90 7.84
C CYS C 88 15.03 3.37 9.27
N ARG C 89 13.85 3.67 9.81
CA ARG C 89 13.75 4.17 11.17
C ARG C 89 14.20 3.11 12.18
N THR C 90 13.89 1.84 11.91
CA THR C 90 14.29 0.79 12.84
C THR C 90 15.80 0.57 12.83
N SER C 91 16.43 0.85 11.70
CA SER C 91 17.88 0.75 11.64
C SER C 91 18.48 1.83 12.51
N ILE C 92 17.91 3.02 12.46
CA ILE C 92 18.35 4.11 13.31
C ILE C 92 18.11 3.71 14.78
N ASP C 93 16.89 3.28 15.09
CA ASP C 93 16.53 2.89 16.45
C ASP C 93 17.43 1.80 17.02
N TYR C 94 17.90 0.91 16.17
CA TYR C 94 18.86 -0.11 16.58
C TYR C 94 20.18 0.52 16.99
N TYR C 95 20.71 1.42 16.17
CA TYR C 95 21.90 2.18 16.54
C TYR C 95 21.67 2.89 17.88
N ARG C 96 20.50 3.51 18.02
CA ARG C 96 20.19 4.24 19.26
C ARG C 96 20.12 3.33 20.48
N CYS C 97 19.44 2.19 20.35
CA CYS C 97 19.39 1.28 21.49
C CYS C 97 20.79 0.75 21.87
N VAL C 98 21.61 0.46 20.87
CA VAL C 98 22.95 -0.09 21.12
C VAL C 98 23.92 0.88 21.78
N LEU C 99 23.91 2.14 21.30
CA LEU C 99 24.75 3.19 21.89
C LEU C 99 24.27 3.64 23.26
N THR C 100 23.20 3.05 23.75
CA THR C 100 22.69 3.38 25.08
C THR C 100 23.55 2.70 26.13
N SER C 101 24.24 1.64 25.72
CA SER C 101 25.01 0.83 26.67
C SER C 101 26.34 1.48 27.07
N LYS C 102 26.70 1.32 28.35
CA LYS C 102 27.89 1.92 28.91
C LYS C 102 29.17 1.19 28.51
N LEU C 103 29.03 0.13 27.73
CA LEU C 103 30.16 -0.65 27.22
C LEU C 103 30.90 0.12 26.14
N ILE C 104 30.16 0.98 25.44
CA ILE C 104 30.66 1.63 24.23
C ILE C 104 30.97 3.10 24.45
N GLY C 105 32.23 3.48 24.21
CA GLY C 105 32.62 4.88 24.28
C GLY C 105 32.27 5.55 22.97
N PRO C 106 31.42 6.60 23.04
CA PRO C 106 30.82 7.19 21.84
C PRO C 106 31.83 7.73 20.85
N GLN C 107 32.82 8.47 21.32
CA GLN C 107 33.85 9.00 20.42
C GLN C 107 34.65 7.88 19.77
N ARG C 108 35.00 6.87 20.56
CA ARG C 108 35.76 5.73 20.06
C ARG C 108 34.94 4.89 19.05
N PHE C 109 33.64 4.84 19.26
CA PHE C 109 32.72 4.17 18.35
C PHE C 109 32.64 4.90 17.02
N ASP C 110 32.33 6.20 17.07
CA ASP C 110 32.28 7.00 15.86
C ASP C 110 33.57 6.84 15.04
N LYS C 111 34.72 6.91 15.72
CA LYS C 111 36.02 6.77 15.06
C LYS C 111 36.18 5.42 14.37
N ALA C 112 35.89 4.35 15.09
CA ALA C 112 36.07 3.01 14.55
C ALA C 112 35.21 2.80 13.29
N ILE C 113 33.95 3.22 13.36
CA ILE C 113 33.07 3.13 12.20
C ILE C 113 33.65 3.92 11.03
N GLN C 114 34.02 5.17 11.27
CA GLN C 114 34.75 5.97 10.29
C GLN C 114 35.97 5.22 9.72
N ASP C 115 36.73 4.59 10.60
CA ASP C 115 37.91 3.84 10.21
C ASP C 115 37.52 2.63 9.37
N TYR C 116 36.45 1.97 9.79
CA TYR C 116 36.01 0.76 9.14
C TYR C 116 35.49 1.07 7.75
N ASP C 117 34.85 2.23 7.65
CA ASP C 117 34.30 2.71 6.38
C ASP C 117 35.42 2.93 5.38
N LYS C 118 36.53 3.49 5.85
CA LYS C 118 37.71 3.73 5.01
C LYS C 118 38.08 2.46 4.23
N THR C 119 37.99 1.32 4.89
CA THR C 119 38.42 0.06 4.33
C THR C 119 37.33 -0.65 3.53
N ILE C 120 36.55 0.10 2.77
CA ILE C 120 35.47 -0.51 1.99
C ILE C 120 35.18 0.17 0.65
N SER C 121 34.86 -0.67 -0.33
CA SER C 121 34.38 -0.23 -1.63
C SER C 121 33.31 -1.23 -2.04
N VAL C 122 32.26 -0.77 -2.71
CA VAL C 122 32.15 0.60 -3.21
C VAL C 122 31.03 1.37 -2.52
N GLU D 1 -6.54 19.26 23.74
CA GLU D 1 -7.11 19.92 22.58
C GLU D 1 -6.52 21.31 22.35
N THR D 2 -6.79 22.26 23.25
CA THR D 2 -6.11 23.54 23.15
C THR D 2 -4.75 23.47 23.82
N PRO D 3 -3.82 24.38 23.44
CA PRO D 3 -2.53 24.40 24.12
C PRO D 3 -2.65 24.48 25.64
N SER D 4 -3.44 25.40 26.17
CA SER D 4 -3.53 25.50 27.63
C SER D 4 -3.99 24.19 28.28
N GLN D 5 -4.90 23.45 27.67
CA GLN D 5 -5.35 22.22 28.31
C GLN D 5 -4.38 21.07 28.18
N LYS D 6 -3.69 20.99 27.05
CA LYS D 6 -2.66 19.97 26.85
C LYS D 6 -1.47 20.21 27.76
N CYS D 7 -1.16 21.48 28.01
CA CYS D 7 -0.03 21.84 28.85
C CYS D 7 -0.29 21.59 30.33
N GLU D 8 -1.49 21.96 30.79
CA GLU D 8 -1.95 21.62 32.15
C GLU D 8 -1.86 20.12 32.38
N GLU D 9 -2.43 19.37 31.44
CA GLU D 9 -2.47 17.91 31.51
C GLU D 9 -1.07 17.31 31.55
N LYS D 10 -0.15 17.90 30.81
CA LYS D 10 1.21 17.41 30.75
C LYS D 10 1.93 17.60 32.07
N TYR D 11 1.73 18.74 32.73
CA TYR D 11 2.49 19.05 33.94
C TYR D 11 1.80 18.74 35.26
N LYS D 12 1.62 17.44 35.51
CA LYS D 12 1.03 16.96 36.75
C LYS D 12 1.85 15.81 37.35
N GLU D 16 6.35 20.40 40.43
CA GLU D 16 7.63 21.07 40.45
C GLU D 16 7.96 21.70 39.09
N ARG D 17 8.11 20.86 38.07
CA ARG D 17 8.39 21.33 36.72
C ARG D 17 7.22 22.15 36.22
N LYS D 18 6.27 22.44 37.10
CA LYS D 18 5.06 23.17 36.74
C LYS D 18 5.39 24.49 36.07
N ALA D 19 6.58 25.01 36.35
CA ALA D 19 6.99 26.28 35.77
C ALA D 19 7.04 26.17 34.25
N CYS D 20 7.32 24.98 33.76
CA CYS D 20 7.35 24.74 32.32
C CYS D 20 6.01 24.90 31.62
N ILE D 21 4.93 24.95 32.39
CA ILE D 21 3.61 25.14 31.81
C ILE D 21 3.58 26.40 30.94
N HIS D 22 4.31 27.43 31.35
CA HIS D 22 4.24 28.70 30.65
C HIS D 22 4.93 28.59 29.28
N HIS D 23 6.12 28.01 29.26
CA HIS D 23 6.82 27.80 28.00
C HIS D 23 6.02 26.89 27.10
N CYS D 24 5.48 25.83 27.69
CA CYS D 24 4.66 24.89 26.93
C CYS D 24 3.54 25.63 26.18
N LYS D 25 2.85 26.54 26.83
CA LYS D 25 1.84 27.30 26.10
C LYS D 25 2.48 28.15 25.00
N TYR D 26 3.51 28.92 25.36
CA TYR D 26 4.10 29.86 24.42
C TYR D 26 4.71 29.20 23.17
N GLN D 27 5.24 28.00 23.32
CA GLN D 27 5.78 27.23 22.20
C GLN D 27 4.67 26.80 21.23
N TYR D 28 3.53 26.35 21.75
CA TYR D 28 2.37 26.05 20.92
C TYR D 28 1.83 27.32 20.25
N TYR D 29 1.95 28.47 20.91
CA TYR D 29 1.41 29.69 20.32
C TYR D 29 2.34 30.16 19.23
N GLY D 30 3.58 29.70 19.31
CA GLY D 30 4.64 30.19 18.44
C GLY D 30 5.24 31.50 18.91
N PHE D 31 5.09 31.83 20.19
CA PHE D 31 5.70 33.05 20.70
C PHE D 31 7.16 32.80 21.06
N ILE D 32 7.51 31.52 21.21
CA ILE D 32 8.88 31.10 21.53
C ILE D 32 9.20 29.80 20.79
N ASP D 33 10.43 29.68 20.29
CA ASP D 33 10.83 28.51 19.53
C ASP D 33 10.92 27.25 20.39
N VAL D 34 10.85 26.08 19.76
CA VAL D 34 10.84 24.82 20.50
C VAL D 34 12.13 24.55 21.27
N ASN D 35 13.16 25.32 20.98
CA ASN D 35 14.43 25.20 21.69
C ASN D 35 14.60 26.41 22.61
N TYR D 36 13.48 27.07 22.91
CA TYR D 36 13.41 28.15 23.90
C TYR D 36 13.81 29.51 23.34
N ASN D 37 14.22 29.54 22.08
CA ASN D 37 14.72 30.78 21.50
C ASN D 37 13.64 31.80 21.17
N ILE D 38 14.02 33.07 21.15
CA ILE D 38 13.17 34.12 20.62
C ILE D 38 13.90 34.90 19.50
N ALA D 39 13.49 34.70 18.27
CA ALA D 39 14.10 35.43 17.16
C ALA D 39 13.06 36.24 16.40
N GLN D 40 13.36 36.59 15.15
CA GLN D 40 12.48 37.46 14.38
C GLN D 40 11.08 36.86 14.22
N PRO D 41 10.99 35.59 13.79
CA PRO D 41 9.64 35.04 13.55
C PRO D 41 8.79 34.84 14.82
N GLU D 42 9.40 34.47 15.95
CA GLU D 42 8.65 34.43 17.21
C GLU D 42 8.19 35.83 17.59
N ILE D 43 8.96 36.85 17.18
CA ILE D 43 8.56 38.24 17.42
C ILE D 43 7.45 38.67 16.46
N ARG D 44 7.58 38.33 15.17
CA ARG D 44 6.50 38.61 14.22
C ARG D 44 5.18 38.04 14.76
N LYS D 45 5.21 36.75 15.10
CA LYS D 45 4.02 36.07 15.57
C LYS D 45 3.40 36.76 16.78
N PHE D 46 4.16 36.86 17.87
CA PHE D 46 3.68 37.47 19.10
C PHE D 46 3.06 38.86 18.83
N SER D 47 3.81 39.71 18.13
CA SER D 47 3.28 41.00 17.70
C SER D 47 1.95 40.89 17.00
N ASN D 48 1.89 40.06 15.97
CA ASN D 48 0.68 39.97 15.16
C ASN D 48 -0.55 39.64 16.00
N VAL D 49 -0.47 38.56 16.78
CA VAL D 49 -1.58 38.18 17.64
C VAL D 49 -2.05 39.38 18.46
N LEU D 50 -1.13 39.99 19.20
CA LEU D 50 -1.48 41.15 20.00
C LEU D 50 -2.15 42.23 19.16
N MET D 51 -1.62 42.48 17.97
CA MET D 51 -2.18 43.54 17.15
C MET D 51 -3.58 43.23 16.59
N ASP D 52 -3.82 41.96 16.21
CA ASP D 52 -5.13 41.66 15.65
C ASP D 52 -6.18 41.24 16.68
N TYR D 53 -5.77 41.11 17.94
CA TYR D 53 -6.73 40.89 19.00
C TYR D 53 -7.13 42.19 19.69
N GLY D 54 -6.58 43.30 19.18
CA GLY D 54 -6.97 44.62 19.63
C GLY D 54 -6.25 45.09 20.87
N VAL D 55 -5.25 44.32 21.30
CA VAL D 55 -4.49 44.71 22.48
C VAL D 55 -3.65 45.95 22.21
N VAL D 56 -2.99 45.98 21.06
CA VAL D 56 -2.21 47.15 20.63
C VAL D 56 -2.58 47.48 19.20
N ASP D 57 -3.05 48.70 18.92
CA ASP D 57 -3.45 49.01 17.54
C ASP D 57 -2.26 49.00 16.61
N ARG D 58 -2.55 48.86 15.31
CA ARG D 58 -1.53 48.65 14.29
C ARG D 58 -0.50 49.77 14.26
N SER D 59 -0.90 50.98 14.59
CA SER D 59 -0.01 52.14 14.55
C SER D 59 1.26 51.95 15.39
N LYS D 60 1.23 51.02 16.32
CA LYS D 60 2.30 50.89 17.30
C LYS D 60 3.24 49.73 17.02
N LYS D 61 3.03 49.06 15.89
CA LYS D 61 3.80 47.87 15.52
C LYS D 61 5.30 47.98 15.74
N ARG D 62 5.91 49.03 15.22
CA ARG D 62 7.36 49.19 15.29
C ARG D 62 7.89 49.17 16.72
N GLU D 63 7.24 49.91 17.61
CA GLU D 63 7.69 49.99 19.01
C GLU D 63 7.31 48.76 19.80
N LEU D 64 6.19 48.15 19.45
CA LEU D 64 5.78 46.90 20.08
C LEU D 64 6.78 45.79 19.77
N LYS D 65 7.23 45.73 18.53
CA LYS D 65 8.29 44.79 18.17
C LYS D 65 9.61 45.19 18.84
N LYS D 66 9.85 46.49 18.97
CA LYS D 66 11.02 46.97 19.69
C LYS D 66 11.07 46.39 21.11
N VAL D 67 9.92 46.40 21.78
CA VAL D 67 9.85 45.91 23.15
C VAL D 67 10.24 44.45 23.21
N MET D 68 9.62 43.64 22.36
CA MET D 68 9.92 42.22 22.29
C MET D 68 11.39 42.02 21.91
N HIS D 69 11.85 42.79 20.94
CA HIS D 69 13.23 42.71 20.50
C HIS D 69 14.21 42.95 21.65
N ASP D 70 14.05 44.07 22.35
CA ASP D 70 14.92 44.38 23.48
C ASP D 70 14.84 43.35 24.62
N CYS D 71 13.65 42.81 24.84
CA CYS D 71 13.47 41.79 25.87
C CYS D 71 14.22 40.51 25.56
N ALA D 72 14.17 40.10 24.29
CA ALA D 72 14.96 38.96 23.87
C ALA D 72 16.42 39.24 24.17
N LYS D 73 16.89 40.42 23.80
CA LYS D 73 18.28 40.79 24.03
C LYS D 73 18.66 40.69 25.50
N LYS D 74 17.86 41.30 26.36
CA LYS D 74 18.14 41.35 27.80
C LYS D 74 18.13 39.98 28.47
N ILE D 75 17.14 39.16 28.15
CA ILE D 75 17.04 37.82 28.72
C ILE D 75 18.24 36.95 28.34
N LYS D 76 18.59 36.96 27.05
CA LYS D 76 19.78 36.24 26.58
C LYS D 76 21.01 36.71 27.35
N LYS D 77 21.23 38.02 27.38
CA LYS D 77 22.31 38.60 28.16
C LYS D 77 22.30 38.16 29.62
N GLU D 78 21.10 38.03 30.21
CA GLU D 78 20.98 37.54 31.59
C GLU D 78 21.40 36.08 31.70
N ALA D 79 20.94 35.25 30.76
CA ALA D 79 21.25 33.84 30.80
C ALA D 79 22.75 33.60 30.73
N ARG D 80 23.43 34.39 29.90
CA ARG D 80 24.86 34.23 29.69
C ARG D 80 25.60 34.60 30.96
N THR D 81 25.17 35.68 31.59
CA THR D 81 25.75 36.07 32.86
C THR D 81 25.68 34.89 33.82
N GLY D 82 24.53 34.22 33.83
CA GLY D 82 24.36 33.03 34.65
C GLY D 82 25.06 31.80 34.09
N ASP D 83 25.74 31.97 32.95
CA ASP D 83 26.47 30.86 32.30
C ASP D 83 25.59 29.68 31.87
N HIS D 84 24.40 29.99 31.40
CA HIS D 84 23.57 29.00 30.75
C HIS D 84 22.90 29.62 29.55
N TRP D 85 21.93 28.92 28.97
CA TRP D 85 21.22 29.46 27.83
C TRP D 85 19.74 29.51 28.17
N LEU D 86 18.91 29.73 27.17
CA LEU D 86 17.47 29.82 27.38
C LEU D 86 16.84 28.54 27.93
N ASN D 87 15.73 28.70 28.66
CA ASN D 87 15.04 27.58 29.31
C ASN D 87 13.64 28.00 29.80
N CYS D 88 13.05 27.19 30.66
CA CYS D 88 11.69 27.47 31.16
C CYS D 88 11.64 28.79 31.93
N ARG D 89 12.65 29.04 32.76
CA ARG D 89 12.72 30.27 33.51
C ARG D 89 12.82 31.45 32.55
N THR D 90 13.63 31.29 31.51
CA THR D 90 13.82 32.41 30.60
C THR D 90 12.50 32.66 29.89
N SER D 91 11.72 31.61 29.71
CA SER D 91 10.49 31.78 28.96
C SER D 91 9.48 32.58 29.76
N ILE D 92 9.46 32.39 31.07
CA ILE D 92 8.64 33.21 31.95
C ILE D 92 9.21 34.64 31.97
N ASP D 93 10.53 34.75 32.03
CA ASP D 93 11.15 36.06 32.10
C ASP D 93 10.93 36.92 30.85
N TYR D 94 10.91 36.28 29.68
CA TYR D 94 10.59 36.99 28.45
C TYR D 94 9.23 37.65 28.59
N TYR D 95 8.28 36.88 29.11
CA TYR D 95 6.93 37.39 29.35
C TYR D 95 6.90 38.58 30.34
N ARG D 96 7.65 38.48 31.44
CA ARG D 96 7.61 39.56 32.44
C ARG D 96 8.22 40.82 31.85
N CYS D 97 9.36 40.68 31.21
CA CYS D 97 9.97 41.79 30.52
C CYS D 97 8.97 42.45 29.55
N VAL D 98 8.33 41.65 28.69
CA VAL D 98 7.41 42.20 27.70
C VAL D 98 6.23 42.90 28.37
N LEU D 99 5.75 42.35 29.48
CA LEU D 99 4.63 43.00 30.16
C LEU D 99 5.02 44.16 31.10
N THR D 100 6.31 44.45 31.19
CA THR D 100 6.77 45.61 31.93
C THR D 100 6.39 46.88 31.15
N SER D 101 6.19 46.70 29.85
CA SER D 101 5.89 47.81 28.93
C SER D 101 4.49 48.41 29.11
N LYS D 102 4.43 49.74 29.15
CA LYS D 102 3.18 50.47 29.36
C LYS D 102 2.31 50.44 28.10
N LEU D 103 2.85 49.87 27.05
CA LEU D 103 2.16 49.69 25.79
C LEU D 103 0.97 48.72 25.91
N ILE D 104 1.06 47.75 26.81
CA ILE D 104 0.14 46.62 26.82
C ILE D 104 -0.77 46.60 28.04
N GLY D 105 -2.09 46.67 27.82
CA GLY D 105 -3.03 46.56 28.93
C GLY D 105 -3.12 45.12 29.41
N PRO D 106 -2.82 44.87 30.70
CA PRO D 106 -2.72 43.50 31.25
C PRO D 106 -3.96 42.64 31.03
N GLN D 107 -5.13 43.12 31.43
CA GLN D 107 -6.36 42.36 31.27
C GLN D 107 -6.64 42.05 29.81
N ARG D 108 -6.48 43.06 28.95
CA ARG D 108 -6.72 42.85 27.53
C ARG D 108 -5.72 41.86 26.96
N PHE D 109 -4.48 41.95 27.41
CA PHE D 109 -3.49 40.98 26.99
C PHE D 109 -3.97 39.57 27.38
N ASP D 110 -4.29 39.38 28.66
CA ASP D 110 -4.69 38.07 29.15
C ASP D 110 -5.92 37.53 28.42
N LYS D 111 -6.91 38.40 28.20
CA LYS D 111 -8.12 38.02 27.50
C LYS D 111 -7.77 37.59 26.06
N ALA D 112 -6.86 38.32 25.43
CA ALA D 112 -6.44 38.01 24.06
C ALA D 112 -5.76 36.65 23.97
N ILE D 113 -4.86 36.36 24.90
CA ILE D 113 -4.15 35.08 24.85
C ILE D 113 -5.09 33.90 25.11
N GLN D 114 -6.06 34.07 26.00
CA GLN D 114 -7.10 33.06 26.22
C GLN D 114 -7.92 32.81 24.95
N ASP D 115 -8.25 33.88 24.24
CA ASP D 115 -9.04 33.78 23.00
C ASP D 115 -8.27 33.02 21.94
N TYR D 116 -7.07 33.48 21.67
CA TYR D 116 -6.19 32.85 20.71
C TYR D 116 -6.03 31.36 21.00
N ASP D 117 -5.80 31.04 22.27
CA ASP D 117 -5.56 29.67 22.71
C ASP D 117 -6.72 28.76 22.34
N LYS D 118 -7.93 29.32 22.39
CA LYS D 118 -9.14 28.59 22.03
C LYS D 118 -9.19 28.20 20.56
N THR D 119 -8.35 28.82 19.74
CA THR D 119 -8.39 28.60 18.30
C THR D 119 -7.26 27.70 17.83
N ILE D 120 -6.73 26.88 18.73
CA ILE D 120 -5.60 26.02 18.41
C ILE D 120 -5.78 24.57 18.86
N SER D 121 -5.44 23.64 17.96
CA SER D 121 -5.30 22.23 18.29
C SER D 121 -3.93 21.80 17.77
N VAL D 122 -3.17 21.02 18.53
CA VAL D 122 -3.61 20.45 19.79
C VAL D 122 -2.67 20.92 20.89
N GLU E 1 7.69 -33.83 -18.02
CA GLU E 1 6.64 -34.09 -19.00
C GLU E 1 5.80 -32.85 -19.32
N THR E 2 5.34 -32.12 -18.30
CA THR E 2 4.92 -30.72 -18.51
C THR E 2 6.12 -29.80 -18.66
N PRO E 3 5.95 -28.65 -19.32
CA PRO E 3 7.10 -27.75 -19.45
C PRO E 3 7.63 -27.35 -18.09
N SER E 4 6.73 -27.02 -17.18
CA SER E 4 7.15 -26.61 -15.86
C SER E 4 8.11 -27.63 -15.25
N GLN E 5 7.77 -28.92 -15.34
CA GLN E 5 8.63 -29.90 -14.72
C GLN E 5 9.85 -30.25 -15.56
N LYS E 6 9.72 -30.22 -16.88
CA LYS E 6 10.90 -30.48 -17.69
C LYS E 6 11.97 -29.40 -17.51
N CYS E 7 11.54 -28.15 -17.46
CA CYS E 7 12.44 -27.03 -17.19
C CYS E 7 13.04 -27.06 -15.78
N GLU E 8 12.24 -27.42 -14.78
CA GLU E 8 12.76 -27.50 -13.42
C GLU E 8 13.91 -28.48 -13.38
N GLU E 9 13.72 -29.62 -14.05
CA GLU E 9 14.73 -30.66 -14.11
C GLU E 9 15.97 -30.15 -14.83
N LYS E 10 15.74 -29.50 -15.97
CA LYS E 10 16.85 -29.01 -16.76
C LYS E 10 17.77 -28.11 -15.93
N TYR E 11 17.18 -27.20 -15.15
CA TYR E 11 18.00 -26.18 -14.50
C TYR E 11 18.36 -26.50 -13.05
N LYS E 12 19.05 -27.64 -12.91
CA LYS E 12 19.74 -28.03 -11.68
C LYS E 12 20.88 -29.02 -11.97
N GLU E 16 23.00 -21.95 -10.91
CA GLU E 16 23.06 -20.54 -11.27
C GLU E 16 21.99 -20.18 -12.27
N ARG E 17 22.11 -20.76 -13.47
CA ARG E 17 21.26 -20.43 -14.61
C ARG E 17 19.93 -21.01 -14.18
N LYS E 18 19.35 -20.41 -13.14
CA LYS E 18 18.04 -20.80 -12.66
C LYS E 18 17.15 -19.84 -13.42
N ALA E 19 17.64 -18.62 -13.65
CA ALA E 19 16.85 -17.60 -14.34
C ALA E 19 16.31 -18.10 -15.68
N CYS E 20 17.05 -19.00 -16.31
CA CYS E 20 16.62 -19.55 -17.60
C CYS E 20 15.35 -20.37 -17.53
N ILE E 21 14.98 -20.80 -16.32
CA ILE E 21 13.75 -21.56 -16.14
C ILE E 21 12.56 -20.83 -16.73
N HIS E 22 12.55 -19.52 -16.60
CA HIS E 22 11.40 -18.77 -17.08
C HIS E 22 11.30 -18.84 -18.61
N HIS E 23 12.41 -18.56 -19.29
CA HIS E 23 12.43 -18.56 -20.73
C HIS E 23 12.06 -19.93 -21.25
N CYS E 24 12.66 -20.94 -20.65
CA CYS E 24 12.39 -22.32 -21.02
C CYS E 24 10.89 -22.64 -21.02
N LYS E 25 10.16 -22.24 -19.98
CA LYS E 25 8.73 -22.46 -19.98
C LYS E 25 8.06 -21.69 -21.12
N TYR E 26 8.40 -20.42 -21.23
CA TYR E 26 7.81 -19.55 -22.25
C TYR E 26 8.08 -20.02 -23.68
N GLN E 27 9.24 -20.62 -23.90
CA GLN E 27 9.61 -21.21 -25.19
C GLN E 27 8.66 -22.38 -25.51
N TYR E 28 8.40 -23.23 -24.51
CA TYR E 28 7.44 -24.31 -24.64
C TYR E 28 5.97 -23.83 -24.74
N TYR E 29 5.63 -22.73 -24.08
CA TYR E 29 4.29 -22.18 -24.20
C TYR E 29 4.04 -21.54 -25.56
N GLY E 30 5.11 -21.25 -26.29
CA GLY E 30 5.03 -20.48 -27.52
C GLY E 30 4.91 -18.98 -27.35
N PHE E 31 5.20 -18.47 -26.15
CA PHE E 31 5.04 -17.03 -25.90
C PHE E 31 6.27 -16.28 -26.35
N ILE E 32 7.33 -17.03 -26.55
CA ILE E 32 8.63 -16.51 -26.93
C ILE E 32 9.27 -17.57 -27.80
N ASP E 33 9.98 -17.13 -28.84
CA ASP E 33 10.52 -18.06 -29.80
C ASP E 33 11.81 -18.70 -29.24
N VAL E 34 12.29 -19.76 -29.90
CA VAL E 34 13.41 -20.54 -29.39
C VAL E 34 14.72 -19.81 -29.52
N ASN E 35 14.71 -18.73 -30.27
CA ASN E 35 15.89 -17.89 -30.42
C ASN E 35 15.73 -16.64 -29.56
N TYR E 36 14.83 -16.74 -28.59
CA TYR E 36 14.52 -15.67 -27.64
C TYR E 36 13.69 -14.51 -28.20
N ASN E 37 13.33 -14.58 -29.46
CA ASN E 37 12.61 -13.46 -30.06
C ASN E 37 11.11 -13.45 -29.79
N ILE E 38 10.53 -12.25 -29.80
CA ILE E 38 9.10 -12.10 -29.73
C ILE E 38 8.64 -11.35 -30.96
N ALA E 39 7.86 -12.02 -31.80
CA ALA E 39 7.28 -11.39 -32.99
C ALA E 39 5.75 -11.54 -33.02
N GLN E 40 5.13 -11.21 -34.16
CA GLN E 40 3.65 -11.32 -34.27
C GLN E 40 3.12 -12.69 -33.86
N PRO E 41 3.77 -13.78 -34.31
CA PRO E 41 3.17 -15.08 -33.95
C PRO E 41 3.27 -15.40 -32.47
N GLU E 42 4.29 -14.90 -31.77
CA GLU E 42 4.38 -15.11 -30.32
C GLU E 42 3.35 -14.25 -29.57
N ILE E 43 3.10 -13.05 -30.07
CA ILE E 43 2.12 -12.16 -29.49
C ILE E 43 0.72 -12.71 -29.71
N ARG E 44 0.51 -13.28 -30.90
CA ARG E 44 -0.75 -13.88 -31.25
C ARG E 44 -1.01 -15.05 -30.29
N LYS E 45 0.00 -15.86 -30.07
CA LYS E 45 -0.12 -17.03 -29.22
C LYS E 45 -0.44 -16.66 -27.78
N PHE E 46 0.32 -15.70 -27.25
CA PHE E 46 0.26 -15.30 -25.86
C PHE E 46 -1.07 -14.60 -25.58
N SER E 47 -1.47 -13.70 -26.47
CA SER E 47 -2.72 -13.02 -26.28
C SER E 47 -3.91 -13.99 -26.43
N ASN E 48 -3.78 -14.97 -27.30
CA ASN E 48 -4.88 -15.92 -27.48
C ASN E 48 -5.08 -16.73 -26.21
N VAL E 49 -3.98 -17.16 -25.59
CA VAL E 49 -4.07 -17.92 -24.36
C VAL E 49 -4.75 -17.06 -23.28
N LEU E 50 -4.26 -15.83 -23.06
CA LEU E 50 -4.87 -14.97 -22.04
C LEU E 50 -6.35 -14.77 -22.27
N MET E 51 -6.73 -14.49 -23.50
CA MET E 51 -8.14 -14.32 -23.84
C MET E 51 -8.96 -15.61 -23.71
N ASP E 52 -8.38 -16.75 -24.05
CA ASP E 52 -9.12 -18.02 -24.01
C ASP E 52 -9.43 -18.47 -22.58
N TYR E 53 -8.48 -18.27 -21.67
CA TYR E 53 -8.70 -18.52 -20.26
C TYR E 53 -9.51 -17.42 -19.58
N GLY E 54 -9.93 -16.42 -20.35
CA GLY E 54 -10.72 -15.35 -19.79
C GLY E 54 -9.99 -14.43 -18.81
N VAL E 55 -8.66 -14.39 -18.90
CA VAL E 55 -7.85 -13.47 -18.10
C VAL E 55 -8.09 -12.02 -18.56
N VAL E 56 -8.29 -11.84 -19.86
CA VAL E 56 -8.59 -10.53 -20.41
C VAL E 56 -9.81 -10.66 -21.31
N ASP E 57 -10.67 -9.63 -21.34
CA ASP E 57 -11.84 -9.64 -22.25
C ASP E 57 -11.45 -9.60 -23.73
N ARG E 58 -12.22 -10.26 -24.59
CA ARG E 58 -11.91 -10.28 -26.03
C ARG E 58 -12.22 -8.93 -26.66
N SER E 59 -13.05 -8.13 -25.96
CA SER E 59 -13.22 -6.74 -26.35
C SER E 59 -11.92 -5.95 -26.18
N LYS E 60 -11.03 -6.43 -25.31
CA LYS E 60 -9.76 -5.75 -25.08
C LYS E 60 -8.58 -6.36 -25.84
N LYS E 61 -8.88 -7.22 -26.81
CA LYS E 61 -7.87 -7.89 -27.63
C LYS E 61 -6.82 -6.95 -28.24
N ARG E 62 -7.30 -6.00 -29.03
CA ARG E 62 -6.44 -4.99 -29.64
C ARG E 62 -5.51 -4.37 -28.61
N GLU E 63 -6.08 -3.94 -27.47
CA GLU E 63 -5.34 -3.31 -26.39
C GLU E 63 -4.29 -4.23 -25.78
N LEU E 64 -4.64 -5.51 -25.65
CA LEU E 64 -3.69 -6.50 -25.13
C LEU E 64 -2.51 -6.75 -26.08
N LYS E 65 -2.80 -6.84 -27.37
CA LYS E 65 -1.73 -7.07 -28.32
C LYS E 65 -0.85 -5.83 -28.39
N LYS E 66 -1.46 -4.66 -28.29
CA LYS E 66 -0.65 -3.45 -28.27
C LYS E 66 0.32 -3.48 -27.09
N VAL E 67 -0.15 -3.94 -25.94
CA VAL E 67 0.68 -3.97 -24.76
C VAL E 67 1.88 -4.86 -25.05
N MET E 68 1.60 -6.04 -25.58
CA MET E 68 2.64 -7.00 -25.88
C MET E 68 3.57 -6.44 -26.96
N HIS E 69 2.97 -5.96 -28.04
CA HIS E 69 3.72 -5.35 -29.12
C HIS E 69 4.68 -4.24 -28.60
N ASP E 70 4.21 -3.35 -27.74
CA ASP E 70 5.08 -2.28 -27.22
C ASP E 70 6.17 -2.78 -26.29
N CYS E 71 5.87 -3.85 -25.56
CA CYS E 71 6.80 -4.44 -24.62
C CYS E 71 7.94 -5.11 -25.37
N ALA E 72 7.59 -5.81 -26.45
CA ALA E 72 8.58 -6.42 -27.30
C ALA E 72 9.55 -5.37 -27.81
N LYS E 73 9.02 -4.22 -28.25
CA LYS E 73 9.85 -3.12 -28.74
C LYS E 73 10.73 -2.57 -27.65
N LYS E 74 10.13 -2.33 -26.48
CA LYS E 74 10.88 -1.77 -25.37
C LYS E 74 12.07 -2.67 -25.02
N ILE E 75 11.81 -3.97 -24.86
CA ILE E 75 12.88 -4.89 -24.45
C ILE E 75 14.02 -4.95 -25.47
N LYS E 76 13.66 -4.97 -26.75
CA LYS E 76 14.67 -5.08 -27.80
C LYS E 76 15.53 -3.84 -27.83
N LYS E 77 14.90 -2.68 -27.63
CA LYS E 77 15.60 -1.41 -27.57
C LYS E 77 16.59 -1.36 -26.39
N GLU E 78 16.17 -1.84 -25.21
CA GLU E 78 17.08 -1.84 -24.06
C GLU E 78 18.28 -2.75 -24.33
N ALA E 79 18.02 -3.86 -25.01
CA ALA E 79 19.06 -4.79 -25.41
C ALA E 79 20.09 -4.15 -26.33
N ARG E 80 19.63 -3.53 -27.40
CA ARG E 80 20.52 -2.85 -28.33
C ARG E 80 21.37 -1.84 -27.56
N THR E 81 20.77 -1.16 -26.59
CA THR E 81 21.50 -0.20 -25.77
C THR E 81 22.67 -0.85 -25.05
N GLY E 82 22.44 -2.05 -24.53
CA GLY E 82 23.48 -2.81 -23.85
C GLY E 82 24.45 -3.52 -24.78
N ASP E 83 24.29 -3.31 -26.10
CA ASP E 83 25.12 -3.97 -27.14
C ASP E 83 25.00 -5.51 -27.14
N HIS E 84 23.77 -5.99 -27.05
CA HIS E 84 23.51 -7.40 -27.18
C HIS E 84 22.10 -7.56 -27.73
N TRP E 85 21.61 -8.79 -27.73
CA TRP E 85 20.29 -9.04 -28.24
C TRP E 85 19.53 -9.83 -27.17
N LEU E 86 18.51 -10.57 -27.56
CA LEU E 86 17.64 -11.21 -26.57
C LEU E 86 18.28 -12.43 -25.88
N ASN E 87 17.82 -12.74 -24.67
CA ASN E 87 18.38 -13.79 -23.83
C ASN E 87 17.42 -14.15 -22.69
N CYS E 88 17.88 -14.98 -21.74
CA CYS E 88 17.01 -15.42 -20.64
C CYS E 88 16.53 -14.20 -19.87
N ARG E 89 17.40 -13.21 -19.72
CA ARG E 89 17.08 -11.99 -18.99
C ARG E 89 15.95 -11.19 -19.67
N THR E 90 16.05 -11.04 -21.00
CA THR E 90 15.02 -10.31 -21.71
C THR E 90 13.66 -11.03 -21.70
N SER E 91 13.67 -12.37 -21.60
CA SER E 91 12.44 -13.12 -21.53
C SER E 91 11.69 -12.80 -20.24
N ILE E 92 12.45 -12.71 -19.15
CA ILE E 92 11.91 -12.29 -17.86
C ILE E 92 11.38 -10.85 -17.96
N ASP E 93 12.15 -9.99 -18.61
CA ASP E 93 11.77 -8.57 -18.67
C ASP E 93 10.55 -8.33 -19.55
N TYR E 94 10.37 -9.16 -20.56
CA TYR E 94 9.17 -9.13 -21.39
C TYR E 94 7.93 -9.40 -20.53
N TYR E 95 8.00 -10.43 -19.68
CA TYR E 95 6.91 -10.80 -18.80
C TYR E 95 6.58 -9.69 -17.81
N ARG E 96 7.62 -9.16 -17.17
CA ARG E 96 7.43 -8.06 -16.22
C ARG E 96 6.79 -6.85 -16.88
N CYS E 97 7.26 -6.48 -18.05
CA CYS E 97 6.71 -5.32 -18.73
C CYS E 97 5.23 -5.53 -19.11
N VAL E 98 4.91 -6.72 -19.63
CA VAL E 98 3.53 -7.06 -19.99
C VAL E 98 2.62 -7.07 -18.76
N LEU E 99 3.11 -7.67 -17.69
CA LEU E 99 2.36 -7.73 -16.45
C LEU E 99 2.23 -6.39 -15.71
N THR E 100 2.88 -5.33 -16.17
CA THR E 100 2.68 -4.06 -15.46
C THR E 100 1.41 -3.40 -15.93
N SER E 101 0.85 -3.95 -17.01
CA SER E 101 -0.39 -3.46 -17.62
C SER E 101 -1.61 -3.76 -16.76
N LYS E 102 -2.44 -2.75 -16.53
CA LYS E 102 -3.62 -2.84 -15.67
C LYS E 102 -4.72 -3.72 -16.27
N LEU E 103 -4.50 -4.16 -17.49
CA LEU E 103 -5.43 -5.01 -18.24
C LEU E 103 -5.52 -6.43 -17.67
N ILE E 104 -4.49 -6.84 -16.96
CA ILE E 104 -4.29 -8.23 -16.61
C ILE E 104 -4.32 -8.44 -15.11
N GLY E 105 -5.27 -9.25 -14.63
CA GLY E 105 -5.35 -9.57 -13.21
C GLY E 105 -4.25 -10.54 -12.84
N PRO E 106 -3.41 -10.17 -11.87
CA PRO E 106 -2.24 -11.00 -11.60
C PRO E 106 -2.59 -12.44 -11.21
N GLN E 107 -3.61 -12.63 -10.38
CA GLN E 107 -3.93 -13.97 -9.90
C GLN E 107 -4.59 -14.81 -10.96
N ARG E 108 -5.50 -14.20 -11.72
CA ARG E 108 -6.12 -14.88 -12.85
C ARG E 108 -5.05 -15.28 -13.87
N PHE E 109 -4.07 -14.41 -14.07
CA PHE E 109 -2.95 -14.68 -14.97
C PHE E 109 -2.16 -15.93 -14.56
N ASP E 110 -1.65 -15.91 -13.35
CA ASP E 110 -0.89 -17.03 -12.81
C ASP E 110 -1.67 -18.35 -12.83
N LYS E 111 -2.93 -18.30 -12.43
CA LYS E 111 -3.77 -19.49 -12.46
C LYS E 111 -3.89 -20.04 -13.88
N ALA E 112 -4.14 -19.15 -14.84
CA ALA E 112 -4.29 -19.56 -16.24
C ALA E 112 -3.02 -20.19 -16.82
N ILE E 113 -1.86 -19.66 -16.46
CA ILE E 113 -0.59 -20.20 -16.94
C ILE E 113 -0.26 -21.54 -16.30
N GLN E 114 -0.65 -21.69 -15.04
CA GLN E 114 -0.47 -22.96 -14.37
C GLN E 114 -1.31 -24.01 -15.07
N ASP E 115 -2.54 -23.65 -15.42
CA ASP E 115 -3.46 -24.56 -16.10
C ASP E 115 -2.87 -24.94 -17.46
N TYR E 116 -2.44 -23.92 -18.18
CA TYR E 116 -1.98 -24.08 -19.55
C TYR E 116 -0.80 -25.03 -19.58
N ASP E 117 0.14 -24.77 -18.66
CA ASP E 117 1.32 -25.60 -18.49
C ASP E 117 0.96 -27.08 -18.39
N LYS E 118 -0.13 -27.38 -17.66
CA LYS E 118 -0.54 -28.76 -17.45
C LYS E 118 -1.12 -29.41 -18.69
N THR E 119 -1.58 -28.61 -19.64
CA THR E 119 -2.12 -29.16 -20.89
C THR E 119 -1.04 -29.42 -21.93
N ILE E 120 0.23 -29.41 -21.52
CA ILE E 120 1.32 -29.58 -22.47
C ILE E 120 2.28 -30.71 -22.10
N SER E 121 2.71 -31.45 -23.12
CA SER E 121 3.87 -32.32 -22.99
C SER E 121 4.65 -32.15 -24.29
N VAL E 122 5.97 -32.24 -24.24
CA VAL E 122 6.73 -32.68 -23.07
C VAL E 122 7.42 -31.51 -22.38
N GLU F 1 -26.24 -3.18 0.25
CA GLU F 1 -25.92 -1.82 -0.19
C GLU F 1 -26.73 -1.39 -1.41
N THR F 2 -26.50 -2.03 -2.56
CA THR F 2 -27.32 -1.74 -3.75
C THR F 2 -28.58 -2.58 -3.73
N PRO F 3 -29.59 -2.20 -4.55
CA PRO F 3 -30.83 -2.97 -4.62
C PRO F 3 -30.56 -4.43 -4.95
N SER F 4 -29.82 -4.65 -6.03
CA SER F 4 -29.43 -5.99 -6.43
C SER F 4 -28.96 -6.79 -5.21
N GLN F 5 -27.97 -6.27 -4.48
CA GLN F 5 -27.42 -7.08 -3.41
C GLN F 5 -28.28 -7.15 -2.14
N LYS F 6 -29.08 -6.11 -1.87
CA LYS F 6 -30.04 -6.19 -0.76
C LYS F 6 -31.05 -7.28 -1.04
N CYS F 7 -31.57 -7.28 -2.25
CA CYS F 7 -32.62 -8.20 -2.62
C CYS F 7 -32.16 -9.65 -2.63
N GLU F 8 -30.96 -9.90 -3.15
CA GLU F 8 -30.40 -11.24 -3.15
C GLU F 8 -30.32 -11.71 -1.73
N GLU F 9 -29.88 -10.79 -0.86
CA GLU F 9 -29.64 -11.10 0.54
C GLU F 9 -30.95 -11.41 1.24
N LYS F 10 -32.00 -10.69 0.87
CA LYS F 10 -33.30 -10.87 1.49
C LYS F 10 -33.91 -12.23 1.17
N TYR F 11 -33.66 -12.73 -0.03
CA TYR F 11 -34.26 -14.01 -0.43
C TYR F 11 -33.24 -15.16 -0.39
N LYS F 12 -32.39 -15.12 0.63
CA LYS F 12 -31.57 -16.26 1.04
C LYS F 12 -32.11 -16.84 2.34
N ARG F 17 -39.26 -16.57 -0.73
CA ARG F 17 -39.93 -16.90 -1.99
C ARG F 17 -39.26 -16.23 -3.20
N LYS F 18 -38.36 -16.95 -3.85
CA LYS F 18 -37.36 -16.39 -4.77
C LYS F 18 -37.83 -15.46 -5.91
N ALA F 19 -39.03 -15.71 -6.43
CA ALA F 19 -39.52 -14.87 -7.53
C ALA F 19 -39.64 -13.40 -7.13
N CYS F 20 -39.81 -13.14 -5.84
CA CYS F 20 -39.95 -11.76 -5.40
C CYS F 20 -38.69 -10.92 -5.59
N ILE F 21 -37.54 -11.57 -5.81
CA ILE F 21 -36.30 -10.86 -6.05
C ILE F 21 -36.45 -9.82 -7.17
N HIS F 22 -37.21 -10.17 -8.19
CA HIS F 22 -37.34 -9.27 -9.33
C HIS F 22 -38.15 -8.04 -8.95
N HIS F 23 -39.29 -8.26 -8.30
CA HIS F 23 -40.12 -7.14 -7.90
C HIS F 23 -39.35 -6.26 -6.92
N CYS F 24 -38.61 -6.92 -6.03
CA CYS F 24 -37.85 -6.22 -5.02
C CYS F 24 -36.89 -5.20 -5.63
N LYS F 25 -36.28 -5.56 -6.75
CA LYS F 25 -35.37 -4.63 -7.41
C LYS F 25 -36.14 -3.52 -8.09
N TYR F 26 -37.16 -3.90 -8.86
CA TYR F 26 -37.91 -2.91 -9.62
C TYR F 26 -38.57 -1.87 -8.70
N GLN F 27 -38.89 -2.32 -7.50
CA GLN F 27 -39.40 -1.44 -6.47
C GLN F 27 -38.35 -0.42 -6.05
N TYR F 28 -37.15 -0.89 -5.69
CA TYR F 28 -36.04 0.04 -5.43
C TYR F 28 -35.74 0.95 -6.64
N TYR F 29 -35.86 0.43 -7.86
CA TYR F 29 -35.53 1.23 -9.03
C TYR F 29 -36.58 2.28 -9.29
N GLY F 30 -37.77 2.08 -8.73
CA GLY F 30 -38.90 2.95 -9.03
C GLY F 30 -39.71 2.58 -10.27
N PHE F 31 -39.47 1.42 -10.86
CA PHE F 31 -40.21 1.00 -12.05
C PHE F 31 -41.57 0.40 -11.68
N ILE F 32 -41.70 -0.03 -10.43
CA ILE F 32 -42.96 -0.59 -9.92
C ILE F 32 -43.17 -0.04 -8.52
N ASP F 33 -44.41 0.33 -8.19
CA ASP F 33 -44.67 0.95 -6.89
C ASP F 33 -44.63 -0.12 -5.79
N VAL F 34 -44.57 0.32 -4.54
CA VAL F 34 -44.40 -0.60 -3.42
C VAL F 34 -45.63 -1.44 -3.19
N ASN F 35 -46.71 -1.12 -3.88
CA ASN F 35 -47.91 -1.92 -3.80
C ASN F 35 -48.13 -2.69 -5.09
N TYR F 36 -47.04 -2.89 -5.83
CA TYR F 36 -47.03 -3.64 -7.08
C TYR F 36 -47.60 -2.88 -8.28
N ASN F 37 -48.10 -1.68 -8.02
CA ASN F 37 -48.77 -0.97 -9.08
C ASN F 37 -47.86 -0.31 -10.10
N ILE F 38 -48.35 -0.17 -11.33
CA ILE F 38 -47.64 0.57 -12.36
C ILE F 38 -48.48 1.72 -12.88
N ALA F 39 -48.11 2.95 -12.56
CA ALA F 39 -48.82 4.09 -13.10
C ALA F 39 -47.86 5.11 -13.74
N GLN F 40 -48.39 6.27 -14.12
CA GLN F 40 -47.60 7.30 -14.82
C GLN F 40 -46.22 7.57 -14.21
N PRO F 41 -46.16 7.78 -12.88
CA PRO F 41 -44.81 8.02 -12.33
C PRO F 41 -43.89 6.83 -12.53
N GLU F 42 -44.40 5.62 -12.42
CA GLU F 42 -43.52 4.47 -12.59
C GLU F 42 -43.09 4.37 -14.03
N ILE F 43 -44.03 4.65 -14.93
CA ILE F 43 -43.72 4.60 -16.35
C ILE F 43 -42.71 5.68 -16.74
N ARG F 44 -42.83 6.84 -16.12
CA ARG F 44 -41.90 7.96 -16.34
C ARG F 44 -40.49 7.56 -15.92
N LYS F 45 -40.37 7.01 -14.71
CA LYS F 45 -39.10 6.63 -14.14
C LYS F 45 -38.39 5.58 -14.99
N PHE F 46 -39.13 4.54 -15.37
CA PHE F 46 -38.55 3.42 -16.12
C PHE F 46 -38.05 3.93 -17.47
N SER F 47 -38.91 4.63 -18.18
CA SER F 47 -38.53 5.09 -19.51
C SER F 47 -37.33 6.04 -19.41
N ASN F 48 -37.37 6.94 -18.44
CA ASN F 48 -36.26 7.88 -18.29
C ASN F 48 -34.91 7.19 -18.07
N VAL F 49 -34.88 6.18 -17.20
CA VAL F 49 -33.65 5.43 -17.00
C VAL F 49 -33.20 4.81 -18.34
N LEU F 50 -34.14 4.19 -19.04
CA LEU F 50 -33.82 3.57 -20.33
C LEU F 50 -33.21 4.56 -21.32
N MET F 51 -33.75 5.76 -21.37
CA MET F 51 -33.19 6.76 -22.28
C MET F 51 -31.86 7.35 -21.78
N ASP F 52 -31.73 7.53 -20.47
CA ASP F 52 -30.49 8.04 -19.90
C ASP F 52 -29.32 7.10 -20.13
N TYR F 53 -29.58 5.81 -20.14
CA TYR F 53 -28.50 4.84 -20.32
C TYR F 53 -28.33 4.48 -21.80
N GLY F 54 -29.09 5.15 -22.67
CA GLY F 54 -28.88 5.02 -24.09
C GLY F 54 -29.56 3.83 -24.75
N VAL F 55 -30.36 3.09 -23.98
CA VAL F 55 -30.97 1.87 -24.49
C VAL F 55 -31.99 2.12 -25.61
N VAL F 56 -32.68 3.25 -25.52
CA VAL F 56 -33.71 3.64 -26.48
C VAL F 56 -33.49 5.11 -26.89
N ASP F 57 -33.51 5.43 -28.17
CA ASP F 57 -33.23 6.81 -28.58
C ASP F 57 -34.25 7.81 -28.03
N ARG F 58 -33.82 9.07 -27.86
CA ARG F 58 -34.72 10.10 -27.34
C ARG F 58 -35.95 10.29 -28.22
N SER F 59 -35.81 9.97 -29.50
CA SER F 59 -36.93 10.04 -30.45
C SER F 59 -38.00 8.97 -30.19
N LYS F 60 -37.67 7.98 -29.36
CA LYS F 60 -38.62 6.90 -29.11
C LYS F 60 -39.39 7.07 -27.81
N LYS F 61 -39.26 8.23 -27.17
CA LYS F 61 -39.88 8.46 -25.87
C LYS F 61 -41.39 8.17 -25.88
N ARG F 62 -42.12 8.81 -26.77
CA ARG F 62 -43.54 8.52 -26.88
C ARG F 62 -43.81 7.02 -27.06
N GLU F 63 -43.08 6.38 -27.96
CA GLU F 63 -43.26 4.95 -28.25
C GLU F 63 -42.92 4.04 -27.07
N LEU F 64 -41.85 4.35 -26.36
CA LEU F 64 -41.45 3.52 -25.22
C LEU F 64 -42.47 3.64 -24.09
N LYS F 65 -42.96 4.85 -23.86
CA LYS F 65 -43.96 5.05 -22.83
C LYS F 65 -45.26 4.35 -23.21
N LYS F 66 -45.59 4.37 -24.49
CA LYS F 66 -46.82 3.74 -24.94
C LYS F 66 -46.75 2.23 -24.71
N VAL F 67 -45.58 1.64 -24.99
CA VAL F 67 -45.36 0.23 -24.73
C VAL F 67 -45.57 -0.13 -23.27
N MET F 68 -45.06 0.71 -22.38
CA MET F 68 -45.12 0.44 -20.94
C MET F 68 -46.56 0.58 -20.46
N HIS F 69 -47.21 1.62 -20.95
CA HIS F 69 -48.57 1.96 -20.58
C HIS F 69 -49.50 0.84 -21.02
N ASP F 70 -49.28 0.32 -22.23
CA ASP F 70 -50.10 -0.77 -22.75
C ASP F 70 -49.83 -2.05 -21.96
N CYS F 71 -48.57 -2.26 -21.57
CA CYS F 71 -48.22 -3.44 -20.79
C CYS F 71 -48.84 -3.42 -19.40
N ALA F 72 -48.83 -2.27 -18.78
CA ALA F 72 -49.47 -2.10 -17.49
C ALA F 72 -50.94 -2.49 -17.62
N LYS F 73 -51.57 -2.05 -18.71
CA LYS F 73 -52.98 -2.36 -18.95
C LYS F 73 -53.22 -3.86 -19.11
N LYS F 74 -52.39 -4.52 -19.91
CA LYS F 74 -52.58 -5.93 -20.19
C LYS F 74 -52.38 -6.80 -18.95
N ILE F 75 -51.47 -6.37 -18.07
CA ILE F 75 -51.16 -7.15 -16.90
C ILE F 75 -52.34 -7.08 -15.93
N LYS F 76 -52.96 -5.92 -15.86
CA LYS F 76 -54.09 -5.72 -14.96
C LYS F 76 -55.32 -6.51 -15.40
N LYS F 77 -55.65 -6.48 -16.69
CA LYS F 77 -56.72 -7.31 -17.24
C LYS F 77 -56.52 -8.78 -16.91
N GLU F 78 -55.29 -9.26 -17.12
CA GLU F 78 -54.97 -10.64 -16.83
C GLU F 78 -55.17 -10.93 -15.34
N ALA F 79 -54.87 -9.94 -14.52
CA ALA F 79 -54.87 -10.16 -13.08
C ALA F 79 -56.31 -10.26 -12.62
N ARG F 80 -57.15 -9.41 -13.21
CA ARG F 80 -58.57 -9.41 -12.87
C ARG F 80 -59.22 -10.71 -13.31
N THR F 81 -58.85 -11.18 -14.49
CA THR F 81 -59.35 -12.46 -14.97
C THR F 81 -59.03 -13.55 -13.97
N GLY F 82 -57.80 -13.56 -13.44
CA GLY F 82 -57.42 -14.51 -12.40
C GLY F 82 -58.04 -14.19 -11.05
N ASP F 83 -58.90 -13.17 -11.05
CA ASP F 83 -59.56 -12.66 -9.86
C ASP F 83 -58.63 -12.27 -8.71
N HIS F 84 -57.48 -11.69 -9.06
CA HIS F 84 -56.58 -11.13 -8.06
C HIS F 84 -56.12 -9.76 -8.53
N TRP F 85 -55.11 -9.21 -7.87
CA TRP F 85 -54.52 -7.96 -8.33
C TRP F 85 -53.02 -8.19 -8.53
N LEU F 86 -52.23 -7.13 -8.46
CA LEU F 86 -50.82 -7.22 -8.81
C LEU F 86 -49.98 -7.87 -7.72
N ASN F 87 -48.86 -8.47 -8.10
CA ASN F 87 -48.02 -9.18 -7.14
C ASN F 87 -46.66 -9.45 -7.75
N CYS F 88 -45.88 -10.28 -7.06
CA CYS F 88 -44.52 -10.58 -7.50
C CYS F 88 -44.55 -11.09 -8.93
N ARG F 89 -45.53 -11.95 -9.21
CA ARG F 89 -45.66 -12.58 -10.51
C ARG F 89 -46.02 -11.57 -11.60
N THR F 90 -46.85 -10.59 -11.29
CA THR F 90 -47.24 -9.59 -12.30
C THR F 90 -46.10 -8.63 -12.60
N SER F 91 -45.15 -8.51 -11.67
CA SER F 91 -44.06 -7.58 -11.82
C SER F 91 -43.05 -8.20 -12.77
N ILE F 92 -42.90 -9.51 -12.68
CA ILE F 92 -42.13 -10.24 -13.65
C ILE F 92 -42.82 -10.11 -15.01
N ASP F 93 -44.14 -10.22 -15.01
CA ASP F 93 -44.88 -10.26 -16.25
C ASP F 93 -44.90 -8.90 -16.94
N TYR F 94 -44.81 -7.84 -16.15
CA TYR F 94 -44.71 -6.49 -16.67
C TYR F 94 -43.43 -6.42 -17.51
N TYR F 95 -42.33 -6.80 -16.87
CA TYR F 95 -41.03 -6.87 -17.52
C TYR F 95 -41.07 -7.65 -18.84
N ARG F 96 -41.67 -8.83 -18.83
CA ARG F 96 -41.68 -9.69 -20.01
C ARG F 96 -42.43 -9.04 -21.17
N CYS F 97 -43.51 -8.36 -20.85
CA CYS F 97 -44.33 -7.76 -21.89
C CYS F 97 -43.59 -6.55 -22.52
N VAL F 98 -42.95 -5.75 -21.67
CA VAL F 98 -42.13 -4.62 -22.13
C VAL F 98 -40.99 -5.11 -23.02
N LEU F 99 -40.35 -6.20 -22.59
CA LEU F 99 -39.22 -6.72 -23.38
C LEU F 99 -39.64 -7.50 -24.62
N THR F 100 -40.94 -7.56 -24.85
CA THR F 100 -41.46 -8.20 -26.04
C THR F 100 -41.30 -7.23 -27.19
N SER F 101 -41.08 -5.96 -26.83
CA SER F 101 -41.02 -4.86 -27.79
C SER F 101 -39.71 -4.84 -28.56
N LYS F 102 -39.81 -4.71 -29.88
CA LYS F 102 -38.63 -4.65 -30.75
C LYS F 102 -37.81 -3.39 -30.46
N LEU F 103 -38.42 -2.46 -29.73
CA LEU F 103 -37.84 -1.18 -29.36
C LEU F 103 -36.58 -1.32 -28.53
N ILE F 104 -36.50 -2.36 -27.74
CA ILE F 104 -35.50 -2.45 -26.68
C ILE F 104 -34.49 -3.54 -26.94
N GLY F 105 -33.21 -3.15 -27.03
CA GLY F 105 -32.16 -4.13 -27.24
C GLY F 105 -31.93 -4.88 -25.96
N PRO F 106 -32.05 -6.21 -25.98
CA PRO F 106 -32.05 -6.96 -24.72
C PRO F 106 -30.72 -6.89 -23.97
N GLN F 107 -29.61 -6.96 -24.69
CA GLN F 107 -28.29 -6.87 -24.05
C GLN F 107 -28.03 -5.51 -23.43
N ARG F 108 -28.39 -4.46 -24.15
CA ARG F 108 -28.23 -3.09 -23.65
C ARG F 108 -29.14 -2.82 -22.45
N PHE F 109 -30.39 -3.28 -22.55
CA PHE F 109 -31.32 -3.15 -21.45
C PHE F 109 -30.69 -3.70 -20.16
N ASP F 110 -30.17 -4.91 -20.25
CA ASP F 110 -29.62 -5.61 -19.09
C ASP F 110 -28.42 -4.86 -18.52
N LYS F 111 -27.54 -4.36 -19.39
CA LYS F 111 -26.36 -3.66 -18.90
C LYS F 111 -26.77 -2.34 -18.24
N ALA F 112 -27.78 -1.69 -18.80
CA ALA F 112 -28.28 -0.44 -18.24
C ALA F 112 -28.81 -0.63 -16.82
N ILE F 113 -29.64 -1.65 -16.63
CA ILE F 113 -30.18 -1.92 -15.31
C ILE F 113 -29.06 -2.23 -14.33
N GLN F 114 -28.06 -2.98 -14.79
CA GLN F 114 -26.91 -3.28 -13.93
C GLN F 114 -26.17 -2.00 -13.55
N ASP F 115 -25.97 -1.11 -14.51
CA ASP F 115 -25.25 0.13 -14.24
C ASP F 115 -26.06 1.02 -13.31
N TYR F 116 -27.38 1.02 -13.48
CA TYR F 116 -28.25 1.89 -12.71
C TYR F 116 -28.29 1.42 -11.24
N ASP F 117 -28.33 0.11 -11.07
CA ASP F 117 -28.32 -0.57 -9.76
C ASP F 117 -27.10 -0.11 -8.97
N LYS F 118 -25.95 -0.04 -9.64
CA LYS F 118 -24.73 0.44 -8.99
C LYS F 118 -24.90 1.83 -8.40
N THR F 119 -25.74 2.66 -9.02
CA THR F 119 -25.86 4.04 -8.58
C THR F 119 -26.81 4.22 -7.39
N ILE F 120 -27.37 3.14 -6.87
CA ILE F 120 -28.31 3.26 -5.75
C ILE F 120 -27.82 2.55 -4.48
N SER F 121 -28.02 3.20 -3.34
CA SER F 121 -27.70 2.57 -2.07
C SER F 121 -28.91 2.58 -1.12
N VAL F 122 -29.07 1.48 -0.40
CA VAL F 122 -30.09 1.35 0.62
C VAL F 122 -29.78 0.20 1.57
N GLU G 1 -35.99 -29.78 -0.46
CA GLU G 1 -34.65 -29.82 0.13
C GLU G 1 -33.54 -29.39 -0.86
N THR G 2 -33.29 -30.19 -1.90
CA THR G 2 -32.50 -29.73 -3.05
C THR G 2 -33.43 -29.12 -4.08
N PRO G 3 -32.89 -28.39 -5.07
CA PRO G 3 -33.78 -27.76 -6.05
C PRO G 3 -34.51 -28.82 -6.86
N SER G 4 -33.74 -29.77 -7.37
CA SER G 4 -34.31 -30.92 -8.03
C SER G 4 -35.50 -31.53 -7.26
N GLN G 5 -35.33 -31.83 -5.98
CA GLN G 5 -36.47 -32.42 -5.26
C GLN G 5 -37.56 -31.40 -4.92
N LYS G 6 -37.19 -30.15 -4.71
CA LYS G 6 -38.21 -29.13 -4.51
C LYS G 6 -39.12 -28.96 -5.74
N CYS G 7 -38.50 -28.91 -6.91
CA CYS G 7 -39.22 -28.70 -8.15
C CYS G 7 -40.01 -29.92 -8.62
N GLU G 8 -39.54 -31.12 -8.31
CA GLU G 8 -40.30 -32.33 -8.63
C GLU G 8 -41.62 -32.22 -7.91
N GLU G 9 -41.54 -31.99 -6.61
CA GLU G 9 -42.70 -31.80 -5.74
C GLU G 9 -43.68 -30.77 -6.27
N LYS G 10 -43.16 -29.69 -6.84
CA LYS G 10 -44.01 -28.59 -7.23
C LYS G 10 -44.83 -28.90 -8.49
N TYR G 11 -44.23 -29.64 -9.43
CA TYR G 11 -44.87 -29.88 -10.72
C TYR G 11 -45.35 -31.32 -10.80
N LYS G 12 -45.85 -31.75 -9.64
CA LYS G 12 -46.51 -33.03 -9.47
C LYS G 12 -47.96 -32.72 -9.21
N GLU G 13 -48.20 -31.84 -8.23
CA GLU G 13 -49.53 -31.31 -7.95
C GLU G 13 -50.17 -30.60 -9.15
N GLU G 16 -48.32 -31.73 -16.29
CA GLU G 16 -49.20 -31.01 -17.22
C GLU G 16 -48.75 -29.58 -17.50
N ARG G 17 -48.19 -28.98 -16.45
CA ARG G 17 -47.44 -27.72 -16.51
C ARG G 17 -46.00 -28.13 -16.20
N LYS G 18 -45.76 -29.41 -16.48
CA LYS G 18 -44.52 -30.15 -16.18
C LYS G 18 -43.25 -29.56 -16.80
N ALA G 19 -43.38 -28.96 -17.97
CA ALA G 19 -42.21 -28.44 -18.68
C ALA G 19 -41.47 -27.38 -17.85
N CYS G 20 -42.20 -26.64 -17.01
CA CYS G 20 -41.63 -25.63 -16.14
C CYS G 20 -40.64 -26.20 -15.13
N ILE G 21 -40.58 -27.51 -15.02
CA ILE G 21 -39.72 -28.10 -14.03
C ILE G 21 -38.26 -27.75 -14.34
N HIS G 22 -37.94 -27.67 -15.62
CA HIS G 22 -36.57 -27.40 -16.04
C HIS G 22 -36.11 -25.99 -15.63
N HIS G 23 -36.90 -25.00 -16.02
CA HIS G 23 -36.69 -23.65 -15.55
C HIS G 23 -36.60 -23.57 -14.04
N CYS G 24 -37.46 -24.31 -13.35
CA CYS G 24 -37.46 -24.27 -11.89
C CYS G 24 -36.09 -24.65 -11.29
N LYS G 25 -35.47 -25.70 -11.81
CA LYS G 25 -34.16 -26.09 -11.32
C LYS G 25 -33.14 -25.03 -11.72
N TYR G 26 -33.19 -24.62 -12.98
CA TYR G 26 -32.17 -23.71 -13.51
C TYR G 26 -32.21 -22.36 -12.80
N GLN G 27 -33.41 -21.97 -12.36
CA GLN G 27 -33.56 -20.74 -11.62
C GLN G 27 -32.93 -20.86 -10.22
N TYR G 28 -33.03 -22.03 -9.60
CA TYR G 28 -32.33 -22.27 -8.35
C TYR G 28 -30.81 -22.34 -8.53
N TYR G 29 -30.38 -22.90 -9.67
CA TYR G 29 -28.97 -23.08 -9.92
C TYR G 29 -28.31 -21.72 -10.15
N GLY G 30 -29.11 -20.78 -10.63
CA GLY G 30 -28.58 -19.47 -10.96
C GLY G 30 -28.23 -19.33 -12.42
N PHE G 31 -28.62 -20.31 -13.23
CA PHE G 31 -28.27 -20.31 -14.64
C PHE G 31 -29.26 -19.46 -15.40
N ILE G 32 -30.42 -19.23 -14.80
CA ILE G 32 -31.45 -18.40 -15.44
C ILE G 32 -32.11 -17.56 -14.37
N ASP G 33 -32.40 -16.30 -14.70
CA ASP G 33 -32.95 -15.37 -13.72
C ASP G 33 -34.42 -15.69 -13.50
N VAL G 34 -34.98 -15.21 -12.40
CA VAL G 34 -36.35 -15.55 -12.01
C VAL G 34 -37.37 -14.92 -12.95
N ASN G 35 -36.91 -14.02 -13.82
CA ASN G 35 -37.80 -13.47 -14.85
C ASN G 35 -37.58 -14.13 -16.22
N TYR G 36 -36.94 -15.29 -16.20
CA TYR G 36 -36.67 -16.11 -17.39
C TYR G 36 -35.46 -15.66 -18.17
N ASN G 37 -34.87 -14.55 -17.76
CA ASN G 37 -33.78 -13.96 -18.51
C ASN G 37 -32.41 -14.62 -18.32
N ILE G 38 -31.62 -14.55 -19.36
CA ILE G 38 -30.23 -14.95 -19.29
C ILE G 38 -29.34 -13.75 -19.65
N ALA G 39 -28.53 -13.30 -18.69
CA ALA G 39 -27.59 -12.20 -18.93
C ALA G 39 -26.21 -12.62 -18.46
N GLN G 40 -25.31 -11.65 -18.37
CA GLN G 40 -23.94 -11.95 -17.97
C GLN G 40 -23.80 -12.68 -16.62
N PRO G 41 -24.54 -12.22 -15.60
CA PRO G 41 -24.45 -12.94 -14.32
C PRO G 41 -24.85 -14.42 -14.41
N GLU G 42 -25.91 -14.73 -15.15
CA GLU G 42 -26.31 -16.13 -15.35
C GLU G 42 -25.26 -16.90 -16.15
N ILE G 43 -24.79 -16.31 -17.25
CA ILE G 43 -23.78 -16.95 -18.06
C ILE G 43 -22.50 -17.22 -17.27
N ARG G 44 -22.18 -16.31 -16.36
CA ARG G 44 -21.01 -16.46 -15.50
C ARG G 44 -21.23 -17.64 -14.57
N LYS G 45 -22.42 -17.67 -13.97
CA LYS G 45 -22.77 -18.73 -13.04
C LYS G 45 -22.65 -20.10 -13.71
N PHE G 46 -23.33 -20.25 -14.85
CA PHE G 46 -23.41 -21.52 -15.58
C PHE G 46 -22.01 -21.99 -16.02
N SER G 47 -21.25 -21.09 -16.64
CA SER G 47 -19.93 -21.46 -17.13
C SER G 47 -19.02 -21.87 -15.96
N ASN G 48 -19.10 -21.12 -14.87
CA ASN G 48 -18.30 -21.44 -13.70
C ASN G 48 -18.62 -22.81 -13.10
N VAL G 49 -19.88 -23.20 -13.08
CA VAL G 49 -20.23 -24.53 -12.55
C VAL G 49 -19.63 -25.61 -13.45
N LEU G 50 -19.80 -25.42 -14.76
CA LEU G 50 -19.27 -26.37 -15.75
C LEU G 50 -17.77 -26.52 -15.60
N MET G 51 -17.09 -25.40 -15.40
CA MET G 51 -15.64 -25.48 -15.32
C MET G 51 -15.16 -26.10 -14.02
N ASP G 52 -15.74 -25.71 -12.89
CA ASP G 52 -15.18 -26.26 -11.67
C ASP G 52 -15.66 -27.68 -11.37
N TYR G 53 -16.63 -28.19 -12.13
CA TYR G 53 -16.95 -29.61 -12.06
C TYR G 53 -16.19 -30.41 -13.12
N GLY G 54 -15.29 -29.74 -13.83
CA GLY G 54 -14.41 -30.41 -14.76
C GLY G 54 -15.06 -30.86 -16.06
N VAL G 55 -16.26 -30.35 -16.33
CA VAL G 55 -16.99 -30.68 -17.55
C VAL G 55 -16.31 -30.06 -18.77
N VAL G 56 -15.90 -28.82 -18.64
CA VAL G 56 -15.20 -28.09 -19.69
C VAL G 56 -13.89 -27.59 -19.11
N ASP G 57 -12.84 -27.60 -19.92
CA ASP G 57 -11.51 -27.17 -19.47
C ASP G 57 -11.41 -25.65 -19.24
N ARG G 58 -10.55 -25.26 -18.30
CA ARG G 58 -10.35 -23.84 -18.04
C ARG G 58 -9.97 -23.05 -19.30
N SER G 59 -9.28 -23.71 -20.23
CA SER G 59 -8.82 -23.05 -21.47
C SER G 59 -9.96 -22.69 -22.41
N LYS G 60 -11.17 -23.06 -22.02
CA LYS G 60 -12.33 -22.94 -22.89
C LYS G 60 -13.31 -21.96 -22.31
N LYS G 61 -12.88 -21.26 -21.27
CA LYS G 61 -13.74 -20.28 -20.61
C LYS G 61 -14.35 -19.32 -21.63
N ARG G 62 -13.52 -18.70 -22.46
CA ARG G 62 -14.04 -17.78 -23.46
C ARG G 62 -15.01 -18.45 -24.42
N GLU G 63 -14.63 -19.60 -24.94
CA GLU G 63 -15.43 -20.25 -25.96
C GLU G 63 -16.77 -20.73 -25.41
N LEU G 64 -16.74 -21.22 -24.18
CA LEU G 64 -17.94 -21.64 -23.47
C LEU G 64 -18.90 -20.47 -23.20
N LYS G 65 -18.35 -19.31 -22.84
CA LYS G 65 -19.20 -18.16 -22.55
C LYS G 65 -19.77 -17.64 -23.84
N LYS G 66 -18.99 -17.71 -24.90
CA LYS G 66 -19.49 -17.32 -26.21
C LYS G 66 -20.67 -18.22 -26.63
N VAL G 67 -20.58 -19.52 -26.35
CA VAL G 67 -21.67 -20.42 -26.69
C VAL G 67 -22.95 -19.99 -25.99
N MET G 68 -22.87 -19.70 -24.68
CA MET G 68 -24.03 -19.31 -23.90
C MET G 68 -24.56 -17.94 -24.33
N HIS G 69 -23.65 -17.01 -24.51
CA HIS G 69 -23.99 -15.67 -24.96
C HIS G 69 -24.72 -15.71 -26.31
N ASP G 70 -24.22 -16.49 -27.28
CA ASP G 70 -24.89 -16.60 -28.58
C ASP G 70 -26.26 -17.28 -28.49
N CYS G 71 -26.32 -18.34 -27.66
CA CYS G 71 -27.58 -19.03 -27.40
C CYS G 71 -28.62 -18.11 -26.77
N ALA G 72 -28.22 -17.27 -25.83
CA ALA G 72 -29.15 -16.31 -25.24
C ALA G 72 -29.64 -15.35 -26.31
N LYS G 73 -28.76 -14.95 -27.22
CA LYS G 73 -29.15 -14.05 -28.32
C LYS G 73 -30.12 -14.73 -29.25
N LYS G 74 -29.91 -16.02 -29.52
CA LYS G 74 -30.75 -16.72 -30.48
C LYS G 74 -32.15 -16.92 -29.90
N ILE G 75 -32.22 -17.45 -28.69
CA ILE G 75 -33.49 -17.70 -28.04
C ILE G 75 -34.35 -16.45 -27.97
N LYS G 76 -33.74 -15.33 -27.56
CA LYS G 76 -34.46 -14.06 -27.39
C LYS G 76 -35.03 -13.55 -28.71
N LYS G 77 -34.20 -13.63 -29.76
CA LYS G 77 -34.58 -13.22 -31.09
C LYS G 77 -35.74 -14.07 -31.61
N GLU G 78 -35.67 -15.38 -31.39
CA GLU G 78 -36.76 -16.28 -31.80
C GLU G 78 -38.03 -15.95 -31.03
N ALA G 79 -37.87 -15.75 -29.72
CA ALA G 79 -39.00 -15.32 -28.89
C ALA G 79 -39.70 -14.11 -29.50
N ARG G 80 -38.93 -13.07 -29.83
CA ARG G 80 -39.54 -11.89 -30.43
C ARG G 80 -40.31 -12.22 -31.73
N THR G 81 -39.77 -13.08 -32.59
CA THR G 81 -40.45 -13.32 -33.85
C THR G 81 -41.82 -13.94 -33.59
N GLY G 82 -41.95 -14.63 -32.46
CA GLY G 82 -43.22 -15.15 -32.02
C GLY G 82 -44.06 -14.17 -31.21
N ASP G 83 -43.56 -12.94 -31.06
CA ASP G 83 -44.28 -11.84 -30.42
C ASP G 83 -44.53 -12.07 -28.95
N HIS G 84 -43.62 -12.80 -28.32
CA HIS G 84 -43.63 -12.97 -26.88
C HIS G 84 -42.21 -12.77 -26.37
N TRP G 85 -41.98 -13.06 -25.10
CA TRP G 85 -40.65 -12.94 -24.53
C TRP G 85 -40.25 -14.25 -23.85
N LEU G 86 -39.31 -14.21 -22.91
CA LEU G 86 -38.74 -15.44 -22.36
C LEU G 86 -39.66 -16.17 -21.38
N ASN G 87 -39.52 -17.48 -21.29
CA ASN G 87 -40.46 -18.32 -20.53
C ASN G 87 -39.92 -19.75 -20.30
N CYS G 88 -40.79 -20.65 -19.84
CA CYS G 88 -40.39 -22.02 -19.52
C CYS G 88 -39.86 -22.72 -20.75
N ARG G 89 -40.55 -22.56 -21.88
CA ARG G 89 -40.11 -23.17 -23.11
C ARG G 89 -38.73 -22.63 -23.55
N THR G 90 -38.51 -21.32 -23.42
CA THR G 90 -37.24 -20.75 -23.84
C THR G 90 -36.11 -21.13 -22.91
N SER G 91 -36.44 -21.42 -21.66
CA SER G 91 -35.44 -21.93 -20.73
C SER G 91 -34.97 -23.33 -21.16
N ILE G 92 -35.93 -24.15 -21.60
CA ILE G 92 -35.59 -25.47 -22.14
C ILE G 92 -34.72 -25.29 -23.39
N ASP G 93 -35.11 -24.36 -24.26
CA ASP G 93 -34.42 -24.15 -25.53
C ASP G 93 -33.04 -23.53 -25.37
N TYR G 94 -32.87 -22.75 -24.30
CA TYR G 94 -31.54 -22.29 -23.92
C TYR G 94 -30.64 -23.50 -23.66
N TYR G 95 -31.09 -24.40 -22.80
CA TYR G 95 -30.35 -25.64 -22.54
C TYR G 95 -29.98 -26.39 -23.82
N ARG G 96 -30.95 -26.60 -24.71
CA ARG G 96 -30.72 -27.41 -25.90
C ARG G 96 -29.70 -26.76 -26.80
N CYS G 97 -29.75 -25.44 -26.90
CA CYS G 97 -28.81 -24.73 -27.74
C CYS G 97 -27.38 -24.85 -27.17
N VAL G 98 -27.23 -24.63 -25.88
CA VAL G 98 -25.95 -24.73 -25.19
C VAL G 98 -25.39 -26.12 -25.37
N LEU G 99 -26.27 -27.11 -25.31
CA LEU G 99 -25.81 -28.48 -25.44
C LEU G 99 -25.60 -28.96 -26.87
N THR G 100 -25.85 -28.11 -27.85
CA THR G 100 -25.52 -28.54 -29.21
C THR G 100 -24.02 -28.37 -29.49
N SER G 101 -23.35 -27.66 -28.58
CA SER G 101 -21.92 -27.41 -28.67
C SER G 101 -21.04 -28.59 -28.29
N LYS G 102 -20.02 -28.83 -29.12
CA LYS G 102 -19.14 -29.97 -28.96
C LYS G 102 -18.14 -29.80 -27.82
N LEU G 103 -18.15 -28.63 -27.19
CA LEU G 103 -17.29 -28.40 -26.02
C LEU G 103 -17.70 -29.24 -24.82
N ILE G 104 -18.97 -29.61 -24.78
CA ILE G 104 -19.57 -30.18 -23.58
C ILE G 104 -19.93 -31.67 -23.73
N GLY G 105 -19.38 -32.52 -22.88
CA GLY G 105 -19.72 -33.93 -22.92
C GLY G 105 -21.06 -34.16 -22.21
N PRO G 106 -22.03 -34.78 -22.90
CA PRO G 106 -23.37 -34.91 -22.33
C PRO G 106 -23.41 -35.67 -21.01
N GLN G 107 -22.70 -36.78 -20.89
CA GLN G 107 -22.71 -37.51 -19.63
C GLN G 107 -22.12 -36.71 -18.48
N ARG G 108 -20.95 -36.12 -18.71
CA ARG G 108 -20.28 -35.31 -17.68
C ARG G 108 -21.10 -34.10 -17.29
N PHE G 109 -21.69 -33.43 -18.27
CA PHE G 109 -22.62 -32.35 -17.99
C PHE G 109 -23.73 -32.79 -17.02
N ASP G 110 -24.42 -33.88 -17.35
CA ASP G 110 -25.51 -34.38 -16.52
C ASP G 110 -25.06 -34.77 -15.11
N LYS G 111 -23.90 -35.43 -15.00
CA LYS G 111 -23.39 -35.82 -13.69
C LYS G 111 -23.01 -34.59 -12.86
N ALA G 112 -22.51 -33.55 -13.52
CA ALA G 112 -22.12 -32.32 -12.84
C ALA G 112 -23.32 -31.59 -12.28
N ILE G 113 -24.39 -31.49 -13.08
CA ILE G 113 -25.56 -30.78 -12.63
C ILE G 113 -26.21 -31.50 -11.46
N GLN G 114 -26.21 -32.82 -11.50
CA GLN G 114 -26.72 -33.61 -10.37
C GLN G 114 -25.87 -33.36 -9.13
N ASP G 115 -24.55 -33.39 -9.30
CA ASP G 115 -23.63 -33.18 -8.17
C ASP G 115 -23.79 -31.79 -7.55
N TYR G 116 -23.94 -30.80 -8.41
CA TYR G 116 -24.16 -29.41 -8.03
C TYR G 116 -25.49 -29.24 -7.31
N ASP G 117 -26.54 -29.84 -7.88
CA ASP G 117 -27.86 -29.83 -7.27
C ASP G 117 -27.83 -30.28 -5.81
N LYS G 118 -26.89 -31.17 -5.47
CA LYS G 118 -26.84 -31.71 -4.12
C LYS G 118 -26.28 -30.70 -3.12
N THR G 119 -25.56 -29.70 -3.61
CA THR G 119 -24.94 -28.72 -2.73
C THR G 119 -25.88 -27.57 -2.40
N ILE G 120 -27.10 -27.61 -2.91
CA ILE G 120 -28.03 -26.51 -2.74
C ILE G 120 -29.23 -26.86 -1.85
N SER G 121 -29.59 -25.95 -0.95
CA SER G 121 -30.81 -26.06 -0.15
C SER G 121 -31.40 -24.67 -0.14
N VAL G 122 -32.68 -24.51 -0.45
CA VAL G 122 -33.63 -25.60 -0.62
C VAL G 122 -34.08 -25.70 -2.08
#